data_3EDM
#
_entry.id   3EDM
#
_cell.length_a   114.501
_cell.length_b   131.260
_cell.length_c   67.952
_cell.angle_alpha   90.000
_cell.angle_beta   90.000
_cell.angle_gamma   90.000
#
_symmetry.space_group_name_H-M   'P 21 21 2'
#
loop_
_entity.id
_entity.type
_entity.pdbx_description
1 polymer 'Short chain dehydrogenase'
2 water water
#
_entity_poly.entity_id   1
_entity_poly.type   'polypeptide(L)'
_entity_poly.pdbx_seq_one_letter_code
;MSLQRFTNRTIVVAGAGRDIGRACAIRFAQEGANVVLTYNGAAEGAATAVAEIEKLGRSALAIKADLTNAAEVEAAISAA
ADKFGEIHGLVHVAGGLIARKTIAEMDEAFWHQVLDVNLTSLFLTAKTALPKMAKGGAIVTFSSQAGRDGGGPGALAYAT
SKGAVMTFTRGLAKEVGPKIRVNAVCPGMISTTFHDTFTKPEVRERVAGATSLKREGSSEDVAGLVAFLASDDAAYVTGA
CYDINGGVLFSEGHHHHHH
;
_entity_poly.pdbx_strand_id   A,B,C,D
#
# COMPACT_ATOMS: atom_id res chain seq x y z
N GLN A 4 -16.44 25.08 19.86
CA GLN A 4 -17.70 24.28 19.95
C GLN A 4 -17.61 22.81 19.52
N ARG A 5 -16.57 22.39 18.81
CA ARG A 5 -16.52 20.95 18.40
C ARG A 5 -16.40 20.03 19.58
N PHE A 6 -15.72 20.47 20.63
CA PHE A 6 -15.45 19.60 21.77
C PHE A 6 -16.06 20.05 23.09
N THR A 7 -17.09 20.88 23.01
CA THR A 7 -17.74 21.41 24.19
C THR A 7 -18.24 20.23 25.01
N ASN A 8 -17.84 20.16 26.28
CA ASN A 8 -18.26 19.03 27.09
C ASN A 8 -17.82 17.66 26.57
N ARG A 9 -16.67 17.60 25.90
CA ARG A 9 -16.05 16.29 25.61
C ARG A 9 -14.76 16.22 26.37
N THR A 10 -14.44 15.04 26.86
CA THR A 10 -13.23 14.83 27.64
C THR A 10 -12.23 14.15 26.71
N ILE A 11 -11.06 14.79 26.55
CA ILE A 11 -10.01 14.32 25.64
C ILE A 11 -8.77 14.01 26.44
N VAL A 12 -8.27 12.78 26.35
CA VAL A 12 -7.02 12.44 27.01
C VAL A 12 -5.89 12.40 25.97
N VAL A 13 -4.88 13.24 26.22
CA VAL A 13 -3.71 13.38 25.35
C VAL A 13 -2.53 12.73 26.07
N ALA A 14 -2.17 11.53 25.65
CA ALA A 14 -1.14 10.73 26.32
C ALA A 14 0.20 10.86 25.63
N GLY A 15 1.18 11.50 26.29
CA GLY A 15 2.48 11.75 25.67
C GLY A 15 2.79 13.24 25.48
N ALA A 16 2.13 14.12 26.24
CA ALA A 16 2.47 15.54 26.19
C ALA A 16 3.88 15.88 26.73
N GLY A 17 4.68 14.87 27.08
CA GLY A 17 6.11 15.04 27.16
C GLY A 17 6.75 15.40 25.81
N ARG A 18 5.98 15.27 24.73
CA ARG A 18 6.43 15.61 23.37
C ARG A 18 5.81 16.90 22.88
N ASP A 19 6.49 17.59 21.99
CA ASP A 19 5.90 18.78 21.43
C ASP A 19 4.49 18.61 20.79
N ILE A 20 4.29 17.48 20.11
CA ILE A 20 3.02 17.20 19.47
C ILE A 20 1.89 17.14 20.49
N GLY A 21 2.18 16.66 21.69
CA GLY A 21 1.12 16.63 22.71
C GLY A 21 0.84 18.05 23.22
N ARG A 22 1.90 18.87 23.32
CA ARG A 22 1.66 20.27 23.63
C ARG A 22 0.64 20.83 22.61
N ALA A 23 0.87 20.58 21.32
CA ALA A 23 0.05 21.18 20.26
C ALA A 23 -1.36 20.64 20.34
N CYS A 24 -1.49 19.32 20.51
CA CYS A 24 -2.83 18.70 20.59
C CYS A 24 -3.57 19.17 21.82
N ALA A 25 -2.87 19.27 22.94
CA ALA A 25 -3.54 19.63 24.20
C ALA A 25 -4.14 21.04 24.07
N ILE A 26 -3.35 21.98 23.58
CA ILE A 26 -3.84 23.35 23.37
C ILE A 26 -5.00 23.40 22.32
N ARG A 27 -4.84 22.69 21.18
CA ARG A 27 -5.87 22.64 20.18
C ARG A 27 -7.24 22.20 20.73
N PHE A 28 -7.28 21.08 21.39
CA PHE A 28 -8.51 20.61 21.95
C PHE A 28 -9.13 21.60 22.94
N ALA A 29 -8.31 22.22 23.78
CA ALA A 29 -8.85 23.17 24.75
C ALA A 29 -9.40 24.39 24.04
N GLN A 30 -8.70 24.85 23.01
CA GLN A 30 -9.25 25.95 22.17
C GLN A 30 -10.58 25.58 21.57
N GLU A 31 -10.83 24.29 21.36
CA GLU A 31 -12.14 23.86 20.84
C GLU A 31 -13.19 23.41 21.91
N GLY A 32 -12.90 23.67 23.20
CA GLY A 32 -13.88 23.60 24.27
C GLY A 32 -13.76 22.33 25.12
N ALA A 33 -12.78 21.47 24.78
CA ALA A 33 -12.67 20.16 25.41
C ALA A 33 -12.25 20.25 26.87
N ASN A 34 -12.47 19.16 27.62
CA ASN A 34 -11.93 18.99 28.99
C ASN A 34 -10.65 18.23 28.77
N VAL A 35 -9.50 18.85 28.99
CA VAL A 35 -8.26 18.22 28.58
C VAL A 35 -7.54 17.55 29.70
N VAL A 36 -7.15 16.31 29.48
CA VAL A 36 -6.28 15.62 30.39
C VAL A 36 -5.01 15.35 29.60
N LEU A 37 -3.85 15.69 30.15
CA LEU A 37 -2.64 15.41 29.38
C LEU A 37 -1.64 14.75 30.30
N THR A 38 -0.97 13.69 29.84
CA THR A 38 0.04 13.04 30.66
C THR A 38 1.38 13.55 30.20
N TYR A 39 2.39 13.45 31.03
CA TYR A 39 3.71 13.90 30.59
C TYR A 39 4.77 13.08 31.28
N ASN A 40 5.93 12.99 30.65
CA ASN A 40 7.08 12.34 31.28
C ASN A 40 8.26 13.13 30.74
N GLY A 41 9.43 12.99 31.38
CA GLY A 41 10.63 13.79 31.00
C GLY A 41 10.64 15.24 31.55
N ALA A 42 11.40 16.12 30.94
CA ALA A 42 11.49 17.50 31.31
C ALA A 42 10.08 18.14 31.16
N ALA A 43 9.30 17.72 30.16
CA ALA A 43 7.90 18.11 30.06
C ALA A 43 7.71 19.60 30.09
N GLU A 44 8.62 20.35 29.48
CA GLU A 44 8.47 21.80 29.40
C GLU A 44 7.36 22.15 28.37
N GLY A 45 7.22 21.32 27.35
CA GLY A 45 6.13 21.46 26.43
C GLY A 45 4.79 21.30 27.14
N ALA A 46 4.70 20.34 28.06
CA ALA A 46 3.47 20.15 28.85
C ALA A 46 3.15 21.38 29.72
N ALA A 47 4.19 21.95 30.32
CA ALA A 47 4.04 23.16 31.18
C ALA A 47 3.52 24.33 30.38
N THR A 48 4.02 24.49 29.18
CA THR A 48 3.45 25.47 28.24
C THR A 48 1.98 25.24 27.88
N ALA A 49 1.62 24.02 27.53
CA ALA A 49 0.19 23.69 27.32
C ALA A 49 -0.66 24.06 28.55
N VAL A 50 -0.15 23.74 29.74
CA VAL A 50 -0.97 24.01 30.92
C VAL A 50 -1.16 25.51 31.08
N ALA A 51 -0.09 26.29 30.97
CA ALA A 51 -0.19 27.75 31.13
C ALA A 51 -1.01 28.36 29.98
N GLU A 52 -0.88 27.84 28.76
CA GLU A 52 -1.70 28.33 27.65
C GLU A 52 -3.18 27.99 27.88
N ILE A 53 -3.45 26.79 28.38
CA ILE A 53 -4.85 26.40 28.64
C ILE A 53 -5.53 27.28 29.71
N GLU A 54 -4.86 27.51 30.84
CA GLU A 54 -5.35 28.45 31.84
C GLU A 54 -5.67 29.79 31.19
N LYS A 55 -4.85 30.26 30.26
CA LYS A 55 -5.20 31.52 29.61
C LYS A 55 -6.57 31.52 28.86
N LEU A 56 -7.12 30.35 28.59
CA LEU A 56 -8.43 30.26 27.94
C LEU A 56 -9.50 30.21 29.02
N GLY A 57 -9.09 30.31 30.26
CA GLY A 57 -10.09 30.42 31.29
C GLY A 57 -10.54 29.09 31.84
N ARG A 58 -10.25 27.99 31.14
CA ARG A 58 -10.47 26.65 31.71
C ARG A 58 -9.14 26.12 32.25
N SER A 59 -9.16 24.90 32.73
CA SER A 59 -7.98 24.30 33.33
C SER A 59 -7.79 22.86 32.84
N ALA A 60 -6.54 22.48 32.54
CA ALA A 60 -6.22 21.11 32.14
C ALA A 60 -5.86 20.27 33.35
N LEU A 61 -6.14 18.97 33.28
CA LEU A 61 -5.71 18.07 34.32
C LEU A 61 -4.44 17.44 33.79
N ALA A 62 -3.31 17.76 34.39
CA ALA A 62 -2.06 17.33 33.86
C ALA A 62 -1.47 16.36 34.82
N ILE A 63 -1.02 15.22 34.32
CA ILE A 63 -0.60 14.10 35.15
C ILE A 63 0.70 13.48 34.70
N LYS A 64 1.69 13.41 35.58
CA LYS A 64 2.93 12.76 35.25
C LYS A 64 2.74 11.24 35.15
N ALA A 65 3.18 10.67 34.04
CA ALA A 65 3.06 9.23 33.83
C ALA A 65 4.03 8.79 32.76
N ASP A 66 4.89 7.84 33.09
CA ASP A 66 5.70 7.14 32.11
C ASP A 66 4.73 6.10 31.52
N LEU A 67 4.39 6.26 30.23
CA LEU A 67 3.34 5.45 29.64
C LEU A 67 3.83 4.05 29.28
N THR A 68 5.09 3.74 29.55
CA THR A 68 5.50 2.35 29.51
C THR A 68 5.27 1.65 30.87
N ASN A 69 4.65 2.33 31.84
CA ASN A 69 4.47 1.77 33.18
C ASN A 69 3.01 1.51 33.40
N ALA A 70 2.63 0.25 33.47
CA ALA A 70 1.21 -0.09 33.52
C ALA A 70 0.51 0.54 34.71
N ALA A 71 1.17 0.59 35.86
CA ALA A 71 0.56 1.24 37.02
C ALA A 71 0.36 2.73 36.81
N GLU A 72 1.33 3.41 36.23
CA GLU A 72 1.16 4.85 36.06
C GLU A 72 0.13 5.10 34.98
N VAL A 73 0.00 4.15 34.04
CA VAL A 73 -1.07 4.27 33.04
C VAL A 73 -2.47 4.16 33.68
N GLU A 74 -2.62 3.19 34.58
CA GLU A 74 -3.89 3.07 35.32
C GLU A 74 -4.20 4.28 36.23
N ALA A 75 -3.25 4.74 37.02
CA ALA A 75 -3.48 6.02 37.72
C ALA A 75 -4.00 7.15 36.82
N ALA A 76 -3.37 7.39 35.65
CA ALA A 76 -3.71 8.56 34.85
C ALA A 76 -5.10 8.43 34.31
N ILE A 77 -5.41 7.21 33.87
CA ILE A 77 -6.73 6.98 33.36
C ILE A 77 -7.81 7.16 34.46
N SER A 78 -7.52 6.67 35.68
CA SER A 78 -8.52 6.75 36.78
C SER A 78 -8.81 8.17 37.16
N ALA A 79 -7.74 8.95 37.34
CA ALA A 79 -7.84 10.37 37.68
C ALA A 79 -8.64 11.15 36.63
N ALA A 80 -8.44 10.82 35.36
CA ALA A 80 -9.22 11.42 34.28
C ALA A 80 -10.68 11.05 34.42
N ALA A 81 -10.97 9.77 34.62
CA ALA A 81 -12.35 9.33 34.76
C ALA A 81 -13.01 9.98 35.97
N ASP A 82 -12.29 9.99 37.09
CA ASP A 82 -12.75 10.64 38.32
C ASP A 82 -13.18 12.08 38.09
N LYS A 83 -12.28 12.86 37.48
CA LYS A 83 -12.54 14.26 37.29
C LYS A 83 -13.66 14.52 36.31
N PHE A 84 -13.63 13.88 35.14
CA PHE A 84 -14.52 14.36 34.07
C PHE A 84 -15.58 13.37 33.60
N GLY A 85 -15.50 12.14 34.05
CA GLY A 85 -16.48 11.12 33.66
C GLY A 85 -16.06 10.28 32.45
N GLU A 86 -16.98 10.12 31.49
CA GLU A 86 -16.71 9.39 30.26
C GLU A 86 -15.60 10.05 29.41
N ILE A 87 -14.66 9.23 28.95
CA ILE A 87 -13.62 9.65 27.99
C ILE A 87 -14.17 9.58 26.58
N HIS A 88 -14.11 10.72 25.87
CA HIS A 88 -14.61 10.79 24.52
C HIS A 88 -13.49 10.58 23.53
N GLY A 89 -12.28 10.92 23.90
CA GLY A 89 -11.15 10.89 22.98
C GLY A 89 -9.90 10.51 23.74
N LEU A 90 -9.17 9.55 23.18
CA LEU A 90 -7.81 9.29 23.60
C LEU A 90 -6.94 9.49 22.39
N VAL A 91 -5.99 10.39 22.54
CA VAL A 91 -5.00 10.69 21.51
C VAL A 91 -3.65 10.19 22.06
N HIS A 92 -3.11 9.12 21.50
CA HIS A 92 -1.81 8.58 21.96
C HIS A 92 -0.64 9.12 21.09
N VAL A 93 0.20 10.00 21.66
CA VAL A 93 1.21 10.61 20.83
C VAL A 93 2.60 10.27 21.36
N ALA A 94 2.66 9.44 22.40
CA ALA A 94 3.93 9.06 22.98
C ALA A 94 4.72 8.32 21.89
N GLY A 95 6.05 8.32 22.03
CA GLY A 95 6.89 7.62 21.09
C GLY A 95 8.07 8.51 20.72
N GLY A 96 8.73 8.18 19.62
CA GLY A 96 9.82 8.98 19.14
C GLY A 96 10.94 8.12 18.63
N LEU A 97 11.92 8.77 18.05
CA LEU A 97 13.03 8.07 17.41
C LEU A 97 14.04 7.47 18.43
N ILE A 98 14.16 8.16 19.58
CA ILE A 98 15.14 7.91 20.62
C ILE A 98 16.55 8.17 20.16
N ALA A 99 17.09 7.39 19.24
CA ALA A 99 18.36 7.76 18.60
C ALA A 99 18.46 7.09 17.26
N ARG A 100 19.34 7.61 16.39
CA ARG A 100 19.69 6.92 15.17
C ARG A 100 20.83 5.90 15.39
N LYS A 101 20.52 4.63 15.18
CA LYS A 101 21.54 3.59 15.28
C LYS A 101 21.27 2.47 14.25
N THR A 102 22.31 2.04 13.53
CA THR A 102 22.22 0.82 12.71
C THR A 102 21.98 -0.44 13.55
N ILE A 103 21.60 -1.53 12.90
CA ILE A 103 21.35 -2.72 13.63
C ILE A 103 22.64 -3.20 14.35
N ALA A 104 23.80 -2.93 13.78
CA ALA A 104 25.01 -3.33 14.46
C ALA A 104 25.24 -2.49 15.74
N GLU A 105 24.81 -1.22 15.73
CA GLU A 105 24.98 -0.34 16.89
C GLU A 105 23.93 -0.56 17.96
N MET A 106 22.76 -1.06 17.56
CA MET A 106 21.70 -1.32 18.50
C MET A 106 21.96 -2.57 19.34
N ASP A 107 21.69 -2.48 20.64
CA ASP A 107 21.62 -3.67 21.46
C ASP A 107 20.18 -3.98 21.82
N GLU A 108 19.93 -5.16 22.35
CA GLU A 108 18.57 -5.55 22.60
C GLU A 108 17.83 -4.59 23.54
N ALA A 109 18.52 -3.95 24.47
CA ALA A 109 17.81 -3.02 25.35
C ALA A 109 17.45 -1.73 24.59
N PHE A 110 18.26 -1.31 23.63
CA PHE A 110 17.88 -0.22 22.78
C PHE A 110 16.60 -0.55 21.97
N TRP A 111 16.56 -1.75 21.39
CA TRP A 111 15.37 -2.20 20.66
C TRP A 111 14.10 -2.05 21.51
N HIS A 112 14.14 -2.57 22.74
CA HIS A 112 12.95 -2.55 23.61
C HIS A 112 12.58 -1.19 24.09
N GLN A 113 13.57 -0.35 24.29
CA GLN A 113 13.27 1.01 24.68
C GLN A 113 12.47 1.72 23.58
N VAL A 114 12.95 1.63 22.34
CA VAL A 114 12.16 2.21 21.23
C VAL A 114 10.77 1.56 21.11
N LEU A 115 10.72 0.23 21.10
CA LEU A 115 9.40 -0.44 20.88
C LEU A 115 8.42 -0.20 22.04
N ASP A 116 8.94 -0.19 23.26
CA ASP A 116 8.11 0.10 24.43
C ASP A 116 7.56 1.51 24.46
N VAL A 117 8.39 2.50 24.14
CA VAL A 117 7.89 3.88 24.21
C VAL A 117 6.91 4.19 23.11
N ASN A 118 7.14 3.64 21.92
CA ASN A 118 6.27 3.88 20.75
C ASN A 118 5.05 2.93 20.65
N LEU A 119 5.23 1.65 20.97
CA LEU A 119 4.19 0.67 20.70
C LEU A 119 3.55 0.11 21.96
N THR A 120 4.35 -0.49 22.85
CA THR A 120 3.82 -1.00 24.12
C THR A 120 2.98 0.02 24.92
N SER A 121 3.45 1.27 25.00
CA SER A 121 2.70 2.37 25.62
C SER A 121 1.31 2.51 25.01
N LEU A 122 1.22 2.35 23.68
CA LEU A 122 -0.05 2.42 22.97
C LEU A 122 -0.99 1.28 23.42
N PHE A 123 -0.42 0.10 23.55
CA PHE A 123 -1.17 -1.09 24.00
C PHE A 123 -1.77 -0.83 25.41
N LEU A 124 -0.93 -0.34 26.33
CA LEU A 124 -1.31 -0.10 27.71
C LEU A 124 -2.37 0.96 27.79
N THR A 125 -2.20 2.03 27.06
CA THR A 125 -3.10 3.12 27.31
C THR A 125 -4.44 2.80 26.64
N ALA A 126 -4.43 2.22 25.44
CA ALA A 126 -5.71 1.90 24.81
C ALA A 126 -6.41 0.86 25.68
N LYS A 127 -5.63 -0.12 26.14
CA LYS A 127 -6.23 -1.20 26.94
C LYS A 127 -6.88 -0.65 28.23
N THR A 128 -6.18 0.28 28.88
CA THR A 128 -6.70 0.88 30.11
C THR A 128 -7.85 1.86 29.86
N ALA A 129 -7.73 2.67 28.82
CA ALA A 129 -8.78 3.65 28.58
C ALA A 129 -10.10 3.04 28.10
N LEU A 130 -10.04 1.96 27.35
CA LEU A 130 -11.26 1.46 26.67
C LEU A 130 -12.52 1.29 27.56
N PRO A 131 -12.37 0.68 28.76
CA PRO A 131 -13.58 0.52 29.59
C PRO A 131 -14.19 1.85 30.06
N LYS A 132 -13.36 2.90 30.10
CA LYS A 132 -13.87 4.23 30.49
C LYS A 132 -14.37 5.10 29.34
N MET A 133 -14.40 4.56 28.14
CA MET A 133 -14.74 5.41 27.02
C MET A 133 -16.25 5.44 26.71
N ALA A 134 -16.70 6.58 26.22
CA ALA A 134 -18.08 6.79 25.90
C ALA A 134 -18.43 6.08 24.59
N LYS A 135 -19.73 5.83 24.44
CA LYS A 135 -20.24 5.39 23.21
C LYS A 135 -19.89 6.43 22.12
N GLY A 136 -19.28 5.95 21.04
CA GLY A 136 -18.95 6.83 19.94
C GLY A 136 -17.66 7.61 20.19
N GLY A 137 -16.88 7.24 21.22
CA GLY A 137 -15.60 7.84 21.47
C GLY A 137 -14.57 7.46 20.42
N ALA A 138 -13.47 8.21 20.33
CA ALA A 138 -12.46 7.96 19.31
C ALA A 138 -11.09 7.82 19.92
N ILE A 139 -10.33 6.85 19.43
CA ILE A 139 -8.90 6.82 19.66
C ILE A 139 -8.17 7.30 18.38
N VAL A 140 -7.14 8.13 18.57
CA VAL A 140 -6.25 8.55 17.47
C VAL A 140 -4.83 8.13 17.78
N THR A 141 -4.21 7.37 16.90
CA THR A 141 -2.87 6.93 17.13
C THR A 141 -1.92 7.70 16.21
N PHE A 142 -0.64 7.53 16.49
CA PHE A 142 0.43 8.19 15.80
C PHE A 142 1.29 7.21 15.01
N SER A 143 1.14 7.21 13.69
CA SER A 143 1.99 6.39 12.85
C SER A 143 2.94 7.29 12.15
N SER A 144 3.36 6.90 10.95
CA SER A 144 4.41 7.63 10.29
C SER A 144 4.63 7.09 8.89
N GLN A 145 4.93 7.98 7.95
CA GLN A 145 5.25 7.54 6.60
C GLN A 145 6.43 6.55 6.68
N ALA A 146 7.32 6.74 7.63
CA ALA A 146 8.37 5.75 7.89
C ALA A 146 7.81 4.35 8.12
N GLY A 147 6.63 4.25 8.72
CA GLY A 147 6.02 2.93 8.91
C GLY A 147 5.73 2.22 7.61
N ARG A 148 5.42 2.97 6.56
CA ARG A 148 5.12 2.41 5.25
C ARG A 148 6.42 2.03 4.52
N ASP A 149 7.44 2.89 4.57
CA ASP A 149 8.65 2.66 3.74
C ASP A 149 9.96 2.20 4.43
N GLY A 150 9.93 1.97 5.75
CA GLY A 150 11.11 1.40 6.41
C GLY A 150 11.98 2.49 7.07
N GLY A 151 11.71 3.76 6.77
CA GLY A 151 12.35 4.88 7.46
C GLY A 151 13.70 5.24 6.88
N GLY A 152 14.36 6.23 7.48
CA GLY A 152 15.65 6.75 7.05
C GLY A 152 16.82 6.15 7.82
N PRO A 153 18.04 6.58 7.50
CA PRO A 153 19.26 5.97 8.07
C PRO A 153 19.24 5.98 9.62
N GLY A 154 19.51 4.83 10.24
CA GLY A 154 19.54 4.74 11.69
C GLY A 154 18.18 4.69 12.37
N ALA A 155 17.09 4.80 11.60
CA ALA A 155 15.74 4.83 12.24
C ALA A 155 15.01 3.48 12.23
N LEU A 156 15.73 2.37 12.07
CA LEU A 156 15.04 1.11 11.89
C LEU A 156 14.08 0.70 13.05
N ALA A 157 14.49 0.88 14.32
CA ALA A 157 13.60 0.49 15.41
C ALA A 157 12.33 1.36 15.43
N TYR A 158 12.53 2.66 15.27
CA TYR A 158 11.45 3.61 15.24
C TYR A 158 10.48 3.31 14.08
N ALA A 159 11.00 3.05 12.89
CA ALA A 159 10.12 2.82 11.74
C ALA A 159 9.29 1.59 12.01
N THR A 160 9.95 0.54 12.49
CA THR A 160 9.29 -0.71 12.81
C THR A 160 8.15 -0.51 13.79
N SER A 161 8.34 0.34 14.80
CA SER A 161 7.28 0.55 15.77
C SER A 161 6.11 1.33 15.11
N LYS A 162 6.43 2.23 14.19
CA LYS A 162 5.40 3.03 13.46
C LYS A 162 4.58 2.15 12.48
N GLY A 163 5.22 1.17 11.82
CA GLY A 163 4.46 0.13 11.11
C GLY A 163 3.56 -0.70 12.05
N ALA A 164 4.11 -1.15 13.17
CA ALA A 164 3.29 -1.87 14.17
C ALA A 164 2.05 -1.06 14.58
N VAL A 165 2.25 0.20 14.97
CA VAL A 165 1.12 1.03 15.34
C VAL A 165 0.06 1.09 14.24
N MET A 166 0.47 1.08 12.97
CA MET A 166 -0.50 1.17 11.88
C MET A 166 -1.40 -0.09 11.86
N THR A 167 -0.78 -1.25 11.99
CA THR A 167 -1.48 -2.49 11.98
C THR A 167 -2.33 -2.60 13.26
N PHE A 168 -1.79 -2.21 14.39
CA PHE A 168 -2.52 -2.29 15.66
C PHE A 168 -3.83 -1.52 15.58
N THR A 169 -3.75 -0.36 14.98
CA THR A 169 -4.88 0.51 14.76
C THR A 169 -5.97 -0.14 13.94
N ARG A 170 -5.61 -0.86 12.87
CA ARG A 170 -6.62 -1.55 12.04
C ARG A 170 -7.25 -2.70 12.80
N GLY A 171 -6.43 -3.52 13.47
CA GLY A 171 -6.95 -4.58 14.32
C GLY A 171 -7.84 -4.06 15.45
N LEU A 172 -7.33 -3.14 16.26
CA LEU A 172 -8.14 -2.61 17.36
C LEU A 172 -9.47 -2.05 16.82
N ALA A 173 -9.44 -1.32 15.71
CA ALA A 173 -10.67 -0.84 15.13
C ALA A 173 -11.73 -1.94 14.88
N LYS A 174 -11.34 -3.10 14.38
CA LYS A 174 -12.32 -4.15 14.07
C LYS A 174 -12.83 -4.72 15.37
N GLU A 175 -11.95 -4.79 16.36
CA GLU A 175 -12.32 -5.37 17.63
C GLU A 175 -13.27 -4.48 18.46
N VAL A 176 -13.04 -3.14 18.51
CA VAL A 176 -13.83 -2.32 19.41
C VAL A 176 -14.97 -1.53 18.76
N GLY A 177 -15.11 -1.60 17.44
CA GLY A 177 -16.25 -0.93 16.77
C GLY A 177 -17.47 -1.84 16.98
N PRO A 178 -18.71 -1.31 16.84
CA PRO A 178 -19.09 0.06 16.44
C PRO A 178 -19.06 1.12 17.54
N LYS A 179 -18.90 0.74 18.79
CA LYS A 179 -18.93 1.73 19.84
C LYS A 179 -17.80 2.78 19.72
N ILE A 180 -16.57 2.29 19.55
CA ILE A 180 -15.37 3.15 19.46
C ILE A 180 -14.75 3.12 18.05
N ARG A 181 -14.28 4.28 17.59
CA ARG A 181 -13.43 4.34 16.39
C ARG A 181 -11.94 4.39 16.75
N VAL A 182 -11.11 3.79 15.91
CA VAL A 182 -9.68 3.86 16.06
C VAL A 182 -9.06 4.25 14.69
N ASN A 183 -8.23 5.32 14.68
CA ASN A 183 -7.56 5.78 13.45
C ASN A 183 -6.13 6.27 13.75
N ALA A 184 -5.27 6.36 12.72
CA ALA A 184 -3.87 6.85 12.83
C ALA A 184 -3.66 8.08 11.97
N VAL A 185 -2.84 9.02 12.46
CA VAL A 185 -2.25 10.03 11.60
C VAL A 185 -0.90 9.51 11.15
N CYS A 186 -0.58 9.79 9.90
CA CYS A 186 0.65 9.34 9.27
CA CYS A 186 0.67 9.36 9.29
C CYS A 186 1.44 10.55 8.74
N PRO A 187 2.17 11.26 9.61
CA PRO A 187 2.96 12.40 9.11
C PRO A 187 4.25 11.98 8.42
N GLY A 188 4.88 12.93 7.73
CA GLY A 188 6.25 12.75 7.21
C GLY A 188 7.18 13.41 8.23
N MET A 189 8.20 14.13 7.76
CA MET A 189 9.19 14.66 8.65
C MET A 189 9.55 16.10 8.27
N ILE A 190 10.18 16.83 9.18
CA ILE A 190 10.64 18.17 8.88
C ILE A 190 12.09 18.09 8.36
N SER A 191 12.34 18.61 7.17
CA SER A 191 13.73 18.57 6.66
C SER A 191 14.65 19.64 7.27
N THR A 192 15.85 19.21 7.64
CA THR A 192 16.80 20.16 8.17
C THR A 192 17.29 21.00 6.99
N ARG A 215 5.68 21.59 0.69
CA ARG A 215 4.89 22.29 1.70
C ARG A 215 4.70 21.40 2.95
N GLU A 216 5.47 21.68 4.00
CA GLU A 216 5.46 20.85 5.18
C GLU A 216 4.75 21.49 6.35
N GLY A 217 3.79 20.82 6.93
CA GLY A 217 3.12 21.35 8.09
C GLY A 217 3.86 20.99 9.36
N SER A 218 3.50 21.62 10.47
CA SER A 218 4.17 21.37 11.73
C SER A 218 3.25 20.58 12.66
N SER A 219 3.68 20.41 13.91
CA SER A 219 2.82 19.84 14.93
C SER A 219 1.48 20.56 15.05
N GLU A 220 1.47 21.85 14.73
CA GLU A 220 0.24 22.63 14.88
C GLU A 220 -0.76 22.12 13.84
N ASP A 221 -0.27 21.77 12.64
CA ASP A 221 -1.08 21.21 11.59
C ASP A 221 -1.45 19.70 11.84
N VAL A 222 -0.48 18.88 12.28
CA VAL A 222 -0.84 17.54 12.76
C VAL A 222 -1.97 17.59 13.82
N ALA A 223 -1.85 18.45 14.82
CA ALA A 223 -2.92 18.69 15.79
C ALA A 223 -4.29 18.95 15.13
N GLY A 224 -4.30 19.65 14.00
CA GLY A 224 -5.53 19.92 13.28
C GLY A 224 -6.16 18.66 12.70
N LEU A 225 -5.32 17.77 12.17
CA LEU A 225 -5.81 16.50 11.63
C LEU A 225 -6.27 15.59 12.74
N VAL A 226 -5.51 15.51 13.82
CA VAL A 226 -5.96 14.78 15.02
C VAL A 226 -7.35 15.23 15.50
N ALA A 227 -7.51 16.54 15.65
CA ALA A 227 -8.81 17.07 16.05
C ALA A 227 -9.88 16.61 15.07
N PHE A 228 -9.60 16.66 13.77
CA PHE A 228 -10.61 16.18 12.79
C PHE A 228 -11.03 14.72 13.06
N LEU A 229 -10.05 13.83 13.19
CA LEU A 229 -10.32 12.43 13.44
C LEU A 229 -11.07 12.17 14.75
N ALA A 230 -10.98 13.10 15.69
CA ALA A 230 -11.68 12.93 16.97
C ALA A 230 -13.07 13.57 16.90
N SER A 231 -13.38 14.27 15.80
CA SER A 231 -14.65 14.98 15.73
C SER A 231 -15.84 14.17 15.20
N ASP A 232 -17.04 14.74 15.35
CA ASP A 232 -18.27 14.17 14.86
C ASP A 232 -18.28 13.97 13.36
N ASP A 233 -17.62 14.85 12.60
CA ASP A 233 -17.46 14.62 11.17
C ASP A 233 -16.68 13.33 10.82
N ALA A 234 -16.04 12.68 11.79
CA ALA A 234 -15.34 11.45 11.48
C ALA A 234 -16.01 10.25 12.14
N ALA A 235 -17.22 10.47 12.65
CA ALA A 235 -18.00 9.37 13.26
C ALA A 235 -17.91 8.06 12.47
N TYR A 236 -17.90 8.09 11.15
CA TYR A 236 -17.80 6.81 10.41
C TYR A 236 -16.45 6.54 9.77
N VAL A 237 -15.40 7.07 10.38
CA VAL A 237 -14.07 6.75 9.90
C VAL A 237 -13.47 5.87 10.94
N THR A 238 -12.98 4.70 10.56
CA THR A 238 -12.37 3.83 11.56
C THR A 238 -11.41 2.89 10.88
N GLY A 239 -10.35 2.49 11.59
CA GLY A 239 -9.33 1.60 11.03
C GLY A 239 -8.51 2.21 9.89
N ALA A 240 -8.51 3.53 9.79
CA ALA A 240 -7.82 4.27 8.74
C ALA A 240 -6.49 4.91 9.19
N CYS A 241 -5.54 5.03 8.26
CA CYS A 241 -4.33 5.85 8.45
C CYS A 241 -4.45 7.08 7.55
N TYR A 242 -4.59 8.26 8.18
CA TYR A 242 -4.67 9.55 7.50
C TYR A 242 -3.28 10.23 7.37
N ASP A 243 -2.84 10.37 6.12
CA ASP A 243 -1.57 11.00 5.75
C ASP A 243 -1.62 12.50 5.90
N ILE A 244 -0.47 13.09 6.20
CA ILE A 244 -0.35 14.54 6.20
C ILE A 244 1.14 14.81 5.94
N ASN A 245 1.43 15.84 5.14
CA ASN A 245 2.84 16.20 4.86
C ASN A 245 3.42 17.12 5.89
N GLY A 246 4.67 16.88 6.25
CA GLY A 246 5.23 17.56 7.38
C GLY A 246 5.06 16.66 8.59
N GLY A 247 5.28 17.21 9.78
CA GLY A 247 5.54 16.33 10.90
C GLY A 247 6.11 16.95 12.17
N VAL A 248 6.63 16.07 13.02
CA VAL A 248 6.90 16.36 14.40
C VAL A 248 8.39 16.18 14.74
N LEU A 249 9.19 15.74 13.78
CA LEU A 249 10.61 15.59 14.02
C LEU A 249 11.46 15.70 12.75
N PHE A 250 12.77 15.89 12.94
CA PHE A 250 13.71 16.09 11.82
C PHE A 250 14.06 14.77 11.09
N SER A 251 14.11 14.86 9.76
CA SER A 251 14.42 13.71 8.92
C SER A 251 15.92 13.47 8.74
N GLN B 4 14.91 -26.19 -19.82
CA GLN B 4 13.92 -27.18 -19.24
C GLN B 4 12.78 -26.65 -18.37
N ARG B 5 12.82 -25.45 -17.82
CA ARG B 5 11.61 -25.01 -17.10
C ARG B 5 10.38 -24.92 -18.00
N PHE B 6 10.58 -24.54 -19.25
CA PHE B 6 9.41 -24.39 -20.11
C PHE B 6 9.33 -25.38 -21.26
N THR B 7 9.94 -26.55 -21.11
CA THR B 7 10.01 -27.49 -22.23
C THR B 7 8.60 -27.90 -22.67
N ASN B 8 8.31 -27.76 -23.95
CA ASN B 8 6.95 -27.97 -24.46
C ASN B 8 5.86 -27.07 -23.84
N ARG B 9 6.27 -25.91 -23.35
CA ARG B 9 5.27 -24.92 -22.94
C ARG B 9 5.14 -23.88 -24.03
N THR B 10 3.92 -23.47 -24.30
CA THR B 10 3.66 -22.46 -25.29
C THR B 10 3.48 -21.09 -24.62
N ILE B 11 4.42 -20.18 -24.89
CA ILE B 11 4.43 -18.87 -24.25
C ILE B 11 4.21 -17.80 -25.29
N VAL B 12 3.20 -16.96 -25.07
CA VAL B 12 2.88 -15.83 -25.94
C VAL B 12 3.37 -14.51 -25.32
N VAL B 13 4.37 -13.89 -25.94
CA VAL B 13 4.90 -12.60 -25.50
C VAL B 13 4.26 -11.53 -26.35
N ALA B 14 3.25 -10.84 -25.80
CA ALA B 14 2.52 -9.82 -26.55
C ALA B 14 3.15 -8.45 -26.29
N GLY B 15 3.72 -7.82 -27.33
CA GLY B 15 4.41 -6.52 -27.16
C GLY B 15 5.93 -6.53 -27.45
N ALA B 16 6.44 -7.56 -28.14
CA ALA B 16 7.86 -7.58 -28.49
C ALA B 16 8.34 -6.46 -29.46
N GLY B 17 7.43 -5.54 -29.80
CA GLY B 17 7.81 -4.21 -30.31
C GLY B 17 8.65 -3.42 -29.32
N ARG B 18 8.72 -3.87 -28.07
CA ARG B 18 9.49 -3.15 -27.04
C ARG B 18 10.68 -3.96 -26.64
N ASP B 19 11.71 -3.31 -26.13
CA ASP B 19 12.88 -4.04 -25.69
C ASP B 19 12.59 -5.19 -24.66
N ILE B 20 11.74 -4.93 -23.68
CA ILE B 20 11.38 -5.94 -22.68
C ILE B 20 10.82 -7.22 -23.31
N GLY B 21 10.12 -7.06 -24.43
CA GLY B 21 9.58 -8.24 -25.13
C GLY B 21 10.69 -9.00 -25.85
N ARG B 22 11.70 -8.29 -26.37
CA ARG B 22 12.89 -8.98 -26.88
C ARG B 22 13.51 -9.88 -25.79
N ALA B 23 13.62 -9.31 -24.60
CA ALA B 23 14.37 -9.94 -23.48
C ALA B 23 13.59 -11.16 -22.99
N CYS B 24 12.29 -11.00 -22.82
CA CYS B 24 11.42 -12.12 -22.41
C CYS B 24 11.34 -13.23 -23.46
N ALA B 25 11.19 -12.87 -24.72
CA ALA B 25 11.09 -13.88 -25.76
C ALA B 25 12.34 -14.76 -25.82
N ILE B 26 13.52 -14.14 -25.82
CA ILE B 26 14.76 -14.90 -25.86
C ILE B 26 14.91 -15.79 -24.60
N ARG B 27 14.59 -15.22 -23.44
CA ARG B 27 14.63 -15.94 -22.16
C ARG B 27 13.70 -17.19 -22.10
N PHE B 28 12.44 -17.04 -22.45
CA PHE B 28 11.58 -18.20 -22.53
C PHE B 28 12.12 -19.24 -23.57
N ALA B 29 12.70 -18.79 -24.69
CA ALA B 29 13.24 -19.72 -25.70
C ALA B 29 14.45 -20.45 -25.12
N GLN B 30 15.31 -19.72 -24.42
CA GLN B 30 16.42 -20.36 -23.70
C GLN B 30 15.96 -21.44 -22.72
N GLU B 31 14.72 -21.38 -22.25
CA GLU B 31 14.29 -22.31 -21.23
C GLU B 31 13.30 -23.32 -21.83
N GLY B 32 13.42 -23.54 -23.13
CA GLY B 32 12.74 -24.64 -23.80
C GLY B 32 11.37 -24.34 -24.36
N ALA B 33 10.86 -23.11 -24.21
CA ALA B 33 9.46 -22.81 -24.59
C ALA B 33 9.25 -22.80 -26.10
N ASN B 34 8.01 -23.05 -26.54
CA ASN B 34 7.57 -22.64 -27.87
C ASN B 34 7.18 -21.16 -27.75
N VAL B 35 7.85 -20.26 -28.44
CA VAL B 35 7.62 -18.84 -28.21
C VAL B 35 6.86 -18.24 -29.37
N VAL B 36 5.80 -17.51 -29.06
CA VAL B 36 5.07 -16.72 -30.02
C VAL B 36 5.29 -15.29 -29.56
N LEU B 37 5.67 -14.41 -30.48
CA LEU B 37 5.86 -13.06 -30.04
C LEU B 37 5.15 -12.18 -31.03
N THR B 38 4.48 -11.16 -30.53
CA THR B 38 3.87 -10.21 -31.42
C THR B 38 4.67 -8.93 -31.39
N TYR B 39 4.53 -8.13 -32.44
CA TYR B 39 5.35 -6.96 -32.56
C TYR B 39 4.60 -5.90 -33.34
N ASN B 40 5.04 -4.65 -33.21
CA ASN B 40 4.43 -3.50 -33.86
C ASN B 40 5.50 -2.41 -33.83
N GLY B 41 5.44 -1.41 -34.73
CA GLY B 41 6.53 -0.39 -34.84
C GLY B 41 7.75 -0.85 -35.66
N ALA B 42 8.90 -0.24 -35.48
CA ALA B 42 10.08 -0.66 -36.20
C ALA B 42 10.41 -2.13 -35.84
N ALA B 43 10.17 -2.54 -34.59
CA ALA B 43 10.27 -3.95 -34.18
C ALA B 43 11.64 -4.51 -34.40
N GLU B 44 12.66 -3.69 -34.27
CA GLU B 44 14.03 -4.15 -34.45
C GLU B 44 14.47 -5.02 -33.27
N GLY B 45 13.89 -4.76 -32.11
CA GLY B 45 14.03 -5.70 -31.03
C GLY B 45 13.44 -7.09 -31.32
N ALA B 46 12.26 -7.14 -31.95
CA ALA B 46 11.59 -8.46 -32.23
C ALA B 46 12.45 -9.26 -33.21
N ALA B 47 13.09 -8.53 -34.14
CA ALA B 47 13.97 -9.09 -35.16
C ALA B 47 15.20 -9.67 -34.54
N THR B 48 15.81 -8.98 -33.57
CA THR B 48 16.86 -9.60 -32.78
C THR B 48 16.42 -10.86 -32.05
N ALA B 49 15.26 -10.81 -31.36
CA ALA B 49 14.77 -12.01 -30.66
C ALA B 49 14.65 -13.19 -31.64
N VAL B 50 14.05 -12.97 -32.80
CA VAL B 50 13.87 -14.04 -33.78
C VAL B 50 15.23 -14.60 -34.18
N ALA B 51 16.18 -13.74 -34.55
CA ALA B 51 17.49 -14.26 -34.95
C ALA B 51 18.15 -15.01 -33.81
N GLU B 52 18.03 -14.54 -32.57
CA GLU B 52 18.73 -15.19 -31.47
C GLU B 52 18.08 -16.54 -31.15
N ILE B 53 16.75 -16.58 -31.22
CA ILE B 53 16.03 -17.83 -30.98
C ILE B 53 16.42 -18.91 -32.00
N GLU B 54 16.55 -18.52 -33.29
CA GLU B 54 16.94 -19.44 -34.36
C GLU B 54 18.27 -20.07 -34.02
N LYS B 55 19.13 -19.31 -33.36
CA LYS B 55 20.47 -19.79 -33.05
C LYS B 55 20.45 -20.83 -31.96
N LEU B 56 19.31 -20.98 -31.29
CA LEU B 56 19.15 -22.01 -30.28
C LEU B 56 18.66 -23.25 -30.98
N GLY B 57 18.40 -23.17 -32.27
CA GLY B 57 17.97 -24.36 -32.97
C GLY B 57 16.45 -24.52 -33.00
N ARG B 58 15.71 -23.61 -32.38
CA ARG B 58 14.26 -23.56 -32.58
C ARG B 58 13.84 -22.29 -33.24
N SER B 59 12.53 -22.12 -33.31
CA SER B 59 11.99 -21.12 -34.15
C SER B 59 10.78 -20.49 -33.46
N ALA B 60 10.84 -19.18 -33.30
CA ALA B 60 9.78 -18.44 -32.68
C ALA B 60 8.72 -18.23 -33.75
N LEU B 61 7.48 -18.10 -33.36
CA LEU B 61 6.49 -17.65 -34.31
C LEU B 61 6.40 -16.18 -34.08
N ALA B 62 6.77 -15.36 -35.04
CA ALA B 62 6.68 -13.92 -34.86
C ALA B 62 5.53 -13.41 -35.68
N ILE B 63 4.70 -12.58 -35.06
CA ILE B 63 3.47 -12.13 -35.67
C ILE B 63 3.29 -10.63 -35.48
N LYS B 64 3.01 -9.94 -36.56
CA LYS B 64 2.78 -8.53 -36.50
C LYS B 64 1.39 -8.29 -35.98
N ALA B 65 1.25 -7.43 -34.98
CA ALA B 65 -0.07 -7.11 -34.44
C ALA B 65 -0.01 -5.84 -33.63
N ASP B 66 -0.93 -4.92 -33.91
CA ASP B 66 -1.13 -3.73 -33.09
C ASP B 66 -2.13 -4.16 -32.01
N LEU B 67 -1.68 -4.19 -30.75
CA LEU B 67 -2.42 -4.88 -29.69
C LEU B 67 -3.59 -4.04 -29.19
N THR B 68 -3.71 -2.82 -29.71
CA THR B 68 -4.94 -2.04 -29.51
C THR B 68 -5.99 -2.35 -30.60
N ASN B 69 -5.68 -3.24 -31.54
CA ASN B 69 -6.62 -3.61 -32.61
C ASN B 69 -7.15 -4.99 -32.37
N ALA B 70 -8.43 -5.08 -32.01
CA ALA B 70 -9.04 -6.36 -31.62
C ALA B 70 -8.90 -7.46 -32.68
N ALA B 71 -9.10 -7.10 -33.94
CA ALA B 71 -8.92 -8.06 -35.02
C ALA B 71 -7.47 -8.57 -35.11
N GLU B 72 -6.48 -7.67 -34.95
CA GLU B 72 -5.10 -8.17 -35.03
C GLU B 72 -4.74 -9.01 -33.82
N VAL B 73 -5.34 -8.69 -32.69
CA VAL B 73 -5.20 -9.49 -31.47
C VAL B 73 -5.81 -10.88 -31.68
N GLU B 74 -7.05 -10.94 -32.16
CA GLU B 74 -7.66 -12.27 -32.47
C GLU B 74 -6.81 -13.11 -33.43
N ALA B 75 -6.37 -12.52 -34.54
CA ALA B 75 -5.48 -13.23 -35.44
C ALA B 75 -4.20 -13.71 -34.77
N ALA B 76 -3.58 -12.88 -33.96
CA ALA B 76 -2.29 -13.29 -33.42
C ALA B 76 -2.54 -14.49 -32.53
N ILE B 77 -3.58 -14.37 -31.70
CA ILE B 77 -3.97 -15.48 -30.82
C ILE B 77 -4.32 -16.79 -31.56
N SER B 78 -5.14 -16.71 -32.63
CA SER B 78 -5.51 -17.90 -33.43
C SER B 78 -4.31 -18.56 -34.01
N ALA B 79 -3.47 -17.73 -34.64
CA ALA B 79 -2.26 -18.21 -35.29
C ALA B 79 -1.44 -19.01 -34.30
N ALA B 80 -1.34 -18.51 -33.07
CA ALA B 80 -0.57 -19.19 -32.00
C ALA B 80 -1.24 -20.50 -31.58
N ALA B 81 -2.56 -20.48 -31.40
CA ALA B 81 -3.27 -21.70 -31.04
C ALA B 81 -3.15 -22.72 -32.15
N ASP B 82 -3.34 -22.28 -33.39
CA ASP B 82 -3.16 -23.16 -34.56
C ASP B 82 -1.77 -23.79 -34.65
N LYS B 83 -0.72 -23.01 -34.39
CA LYS B 83 0.63 -23.59 -34.48
C LYS B 83 0.96 -24.52 -33.35
N PHE B 84 0.68 -24.13 -32.10
CA PHE B 84 1.23 -24.86 -30.93
C PHE B 84 0.21 -25.48 -29.96
N GLY B 85 -1.07 -25.19 -30.17
CA GLY B 85 -2.13 -25.72 -29.30
C GLY B 85 -2.39 -24.81 -28.11
N GLU B 86 -2.75 -25.40 -26.97
CA GLU B 86 -3.02 -24.68 -25.73
C GLU B 86 -1.92 -23.68 -25.37
N ILE B 87 -2.35 -22.50 -24.91
CA ILE B 87 -1.42 -21.44 -24.49
C ILE B 87 -1.23 -21.60 -23.00
N HIS B 88 0.03 -21.76 -22.59
CA HIS B 88 0.38 -21.95 -21.20
C HIS B 88 0.76 -20.64 -20.54
N GLY B 89 1.20 -19.66 -21.30
CA GLY B 89 1.75 -18.44 -20.72
C GLY B 89 1.40 -17.27 -21.62
N LEU B 90 0.72 -16.28 -21.06
CA LEU B 90 0.54 -15.01 -21.76
C LEU B 90 1.26 -13.92 -20.96
N VAL B 91 2.31 -13.38 -21.54
CA VAL B 91 3.11 -12.32 -20.98
C VAL B 91 2.79 -11.03 -21.73
N HIS B 92 2.11 -10.09 -21.08
CA HIS B 92 1.69 -8.88 -21.79
C HIS B 92 2.61 -7.70 -21.49
N VAL B 93 3.44 -7.31 -22.43
CA VAL B 93 4.39 -6.31 -22.07
C VAL B 93 4.20 -5.03 -22.86
N ALA B 94 3.14 -4.98 -23.67
CA ALA B 94 2.92 -3.77 -24.45
C ALA B 94 2.68 -2.55 -23.52
N GLY B 95 3.01 -1.36 -24.00
CA GLY B 95 2.76 -0.16 -23.24
C GLY B 95 3.90 0.82 -23.38
N GLY B 96 4.00 1.71 -22.41
CA GLY B 96 5.10 2.67 -22.41
C GLY B 96 4.58 4.05 -22.13
N LEU B 97 5.51 4.96 -22.00
CA LEU B 97 5.29 6.34 -21.63
C LEU B 97 4.67 7.18 -22.76
N ILE B 98 5.05 6.85 -24.00
CA ILE B 98 4.74 7.63 -25.23
C ILE B 98 5.40 9.01 -25.25
N ALA B 99 5.02 9.92 -24.36
CA ALA B 99 5.73 11.20 -24.22
C ALA B 99 5.52 11.75 -22.83
N ARG B 100 6.42 12.58 -22.31
CA ARG B 100 6.15 13.29 -21.04
C ARG B 100 5.37 14.60 -21.33
N LYS B 101 4.13 14.67 -20.85
CA LYS B 101 3.30 15.88 -21.01
C LYS B 101 2.52 16.15 -19.77
N THR B 102 2.46 17.43 -19.34
CA THR B 102 1.59 17.84 -18.22
C THR B 102 0.13 17.73 -18.64
N ILE B 103 -0.80 17.84 -17.70
CA ILE B 103 -2.19 17.73 -18.08
C ILE B 103 -2.58 18.85 -19.02
N ALA B 104 -1.98 20.02 -18.86
CA ALA B 104 -2.33 21.15 -19.73
C ALA B 104 -1.85 20.84 -21.15
N GLU B 105 -0.70 20.17 -21.28
CA GLU B 105 -0.20 19.79 -22.59
C GLU B 105 -0.90 18.59 -23.24
N MET B 106 -1.57 17.73 -22.47
CA MET B 106 -2.23 16.56 -23.03
C MET B 106 -3.56 16.95 -23.67
N ASP B 107 -3.92 16.34 -24.79
CA ASP B 107 -5.29 16.43 -25.26
C ASP B 107 -5.96 15.10 -25.05
N GLU B 108 -7.28 15.06 -25.21
CA GLU B 108 -7.98 13.82 -25.00
C GLU B 108 -7.42 12.64 -25.87
N ALA B 109 -6.96 12.93 -27.08
CA ALA B 109 -6.54 11.86 -27.99
C ALA B 109 -5.22 11.29 -27.46
N PHE B 110 -4.36 12.16 -26.93
CA PHE B 110 -3.12 11.72 -26.27
C PHE B 110 -3.42 10.83 -25.05
N TRP B 111 -4.36 11.28 -24.23
CA TRP B 111 -4.79 10.49 -23.08
C TRP B 111 -5.15 9.07 -23.51
N HIS B 112 -6.10 8.92 -24.45
CA HIS B 112 -6.50 7.61 -24.97
C HIS B 112 -5.40 6.81 -25.63
N GLN B 113 -4.48 7.46 -26.33
CA GLN B 113 -3.34 6.73 -26.89
C GLN B 113 -2.51 6.05 -25.78
N VAL B 114 -2.20 6.77 -24.70
CA VAL B 114 -1.42 6.14 -23.62
C VAL B 114 -2.26 5.07 -22.96
N LEU B 115 -3.53 5.37 -22.67
CA LEU B 115 -4.36 4.39 -21.96
C LEU B 115 -4.62 3.14 -22.81
N ASP B 116 -4.75 3.32 -24.13
CA ASP B 116 -5.03 2.21 -25.06
C ASP B 116 -3.84 1.25 -25.23
N VAL B 117 -2.65 1.83 -25.45
CA VAL B 117 -1.48 1.00 -25.64
C VAL B 117 -1.11 0.25 -24.37
N ASN B 118 -1.32 0.88 -23.19
CA ASN B 118 -0.97 0.24 -21.89
C ASN B 118 -2.07 -0.64 -21.23
N LEU B 119 -3.32 -0.19 -21.35
CA LEU B 119 -4.39 -0.82 -20.62
C LEU B 119 -5.36 -1.54 -21.53
N THR B 120 -5.98 -0.80 -22.46
CA THR B 120 -6.97 -1.40 -23.37
C THR B 120 -6.35 -2.63 -24.09
N SER B 121 -5.07 -2.52 -24.51
CA SER B 121 -4.41 -3.67 -25.15
C SER B 121 -4.40 -4.90 -24.26
N LEU B 122 -4.20 -4.71 -22.95
CA LEU B 122 -4.20 -5.80 -21.98
C LEU B 122 -5.60 -6.43 -21.85
N PHE B 123 -6.62 -5.60 -21.77
CA PHE B 123 -7.97 -6.12 -21.75
C PHE B 123 -8.17 -6.99 -23.00
N LEU B 124 -7.75 -6.52 -24.17
CA LEU B 124 -7.98 -7.23 -25.40
C LEU B 124 -7.23 -8.54 -25.48
N THR B 125 -5.95 -8.50 -25.13
CA THR B 125 -5.20 -9.71 -25.30
C THR B 125 -5.56 -10.75 -24.21
N ALA B 126 -5.81 -10.33 -22.97
CA ALA B 126 -6.28 -11.27 -21.97
C ALA B 126 -7.66 -11.82 -22.37
N LYS B 127 -8.56 -10.93 -22.76
CA LYS B 127 -9.89 -11.40 -23.19
C LYS B 127 -9.81 -12.47 -24.31
N THR B 128 -9.01 -12.17 -25.33
CA THR B 128 -8.85 -13.07 -26.46
C THR B 128 -8.13 -14.36 -26.13
N ALA B 129 -7.05 -14.25 -25.36
CA ALA B 129 -6.26 -15.45 -25.03
C ALA B 129 -6.92 -16.42 -24.09
N LEU B 130 -7.75 -15.92 -23.19
CA LEU B 130 -8.29 -16.78 -22.10
C LEU B 130 -8.90 -18.12 -22.54
N PRO B 131 -9.74 -18.09 -23.59
CA PRO B 131 -10.41 -19.34 -24.02
C PRO B 131 -9.44 -20.33 -24.64
N LYS B 132 -8.27 -19.87 -25.10
CA LYS B 132 -7.26 -20.76 -25.64
C LYS B 132 -6.24 -21.22 -24.63
N MET B 133 -6.37 -20.85 -23.39
CA MET B 133 -5.33 -21.17 -22.42
C MET B 133 -5.51 -22.51 -21.69
N ALA B 134 -4.40 -23.13 -21.29
CA ALA B 134 -4.38 -24.40 -20.63
C ALA B 134 -4.76 -24.26 -19.17
N LYS B 135 -5.23 -25.36 -18.60
CA LYS B 135 -5.44 -25.45 -17.19
C LYS B 135 -4.09 -25.26 -16.50
N GLY B 136 -4.04 -24.37 -15.50
CA GLY B 136 -2.78 -24.06 -14.84
C GLY B 136 -1.93 -23.05 -15.63
N GLY B 137 -2.48 -22.49 -16.71
CA GLY B 137 -1.83 -21.39 -17.42
C GLY B 137 -1.59 -20.11 -16.59
N ALA B 138 -0.59 -19.31 -16.98
CA ALA B 138 -0.24 -18.07 -16.28
C ALA B 138 -0.25 -16.87 -17.21
N ILE B 139 -0.85 -15.80 -16.71
CA ILE B 139 -0.73 -14.51 -17.33
C ILE B 139 0.21 -13.66 -16.46
N VAL B 140 1.14 -12.96 -17.10
CA VAL B 140 1.99 -11.99 -16.40
C VAL B 140 1.78 -10.63 -17.03
N THR B 141 1.35 -9.68 -16.22
CA THR B 141 1.17 -8.32 -16.69
C THR B 141 2.31 -7.43 -16.20
N PHE B 142 2.37 -6.25 -16.81
CA PHE B 142 3.44 -5.31 -16.63
C PHE B 142 2.91 -4.03 -15.93
N SER B 143 3.16 -3.93 -14.62
CA SER B 143 2.81 -2.72 -13.93
C SER B 143 4.06 -1.91 -13.72
N SER B 144 4.11 -1.17 -12.61
CA SER B 144 5.23 -0.27 -12.41
C SER B 144 5.09 0.45 -11.12
N GLN B 145 6.23 0.80 -10.54
CA GLN B 145 6.25 1.49 -9.25
C GLN B 145 5.52 2.82 -9.37
N ALA B 146 5.55 3.39 -10.56
CA ALA B 146 4.83 4.60 -10.83
C ALA B 146 3.34 4.42 -10.68
N GLY B 147 2.84 3.20 -10.89
CA GLY B 147 1.42 2.89 -10.59
C GLY B 147 1.05 3.04 -9.12
N ARG B 148 2.01 2.84 -8.22
CA ARG B 148 1.79 3.03 -6.78
C ARG B 148 1.87 4.50 -6.41
N ASP B 149 2.91 5.21 -6.87
CA ASP B 149 3.17 6.55 -6.34
C ASP B 149 2.77 7.71 -7.25
N GLY B 150 2.21 7.42 -8.42
CA GLY B 150 1.69 8.49 -9.26
C GLY B 150 2.64 8.94 -10.36
N GLY B 151 3.89 8.44 -10.34
CA GLY B 151 4.89 8.69 -11.41
C GLY B 151 5.69 10.00 -11.40
N GLY B 152 6.58 10.18 -12.38
CA GLY B 152 7.45 11.35 -12.46
C GLY B 152 6.85 12.46 -13.29
N PRO B 153 7.59 13.59 -13.43
CA PRO B 153 7.10 14.78 -14.18
C PRO B 153 6.67 14.39 -15.59
N GLY B 154 5.48 14.81 -15.99
CA GLY B 154 4.99 14.61 -17.33
C GLY B 154 4.51 13.20 -17.61
N ALA B 155 4.65 12.31 -16.62
CA ALA B 155 4.26 10.88 -16.84
C ALA B 155 2.89 10.48 -16.30
N LEU B 156 1.98 11.43 -16.14
CA LEU B 156 0.77 11.14 -15.42
C LEU B 156 -0.17 10.16 -16.15
N ALA B 157 -0.20 10.22 -17.48
CA ALA B 157 -1.06 9.27 -18.22
C ALA B 157 -0.54 7.82 -18.14
N TYR B 158 0.77 7.68 -18.34
CA TYR B 158 1.47 6.41 -18.17
C TYR B 158 1.26 5.80 -16.76
N ALA B 159 1.56 6.59 -15.72
CA ALA B 159 1.44 6.12 -14.34
C ALA B 159 0.03 5.62 -14.06
N THR B 160 -0.94 6.39 -14.52
CA THR B 160 -2.33 6.07 -14.29
C THR B 160 -2.66 4.75 -14.92
N SER B 161 -2.15 4.51 -16.13
CA SER B 161 -2.43 3.24 -16.82
C SER B 161 -1.78 2.05 -16.10
N LYS B 162 -0.65 2.31 -15.46
CA LYS B 162 0.08 1.29 -14.68
C LYS B 162 -0.58 0.94 -13.34
N GLY B 163 -1.21 1.90 -12.66
CA GLY B 163 -2.08 1.55 -11.53
C GLY B 163 -3.32 0.78 -12.02
N ALA B 164 -3.92 1.25 -13.09
CA ALA B 164 -5.02 0.48 -13.70
C ALA B 164 -4.59 -0.98 -13.94
N VAL B 165 -3.42 -1.18 -14.55
CA VAL B 165 -2.97 -2.56 -14.80
C VAL B 165 -2.85 -3.36 -13.51
N MET B 166 -2.45 -2.72 -12.43
CA MET B 166 -2.28 -3.42 -11.17
C MET B 166 -3.64 -3.90 -10.65
N THR B 167 -4.63 -3.02 -10.68
CA THR B 167 -5.94 -3.40 -10.23
C THR B 167 -6.59 -4.44 -11.18
N PHE B 168 -6.39 -4.28 -12.49
CA PHE B 168 -6.91 -5.26 -13.46
C PHE B 168 -6.38 -6.68 -13.13
N THR B 169 -5.09 -6.75 -12.80
CA THR B 169 -4.43 -7.99 -12.42
C THR B 169 -5.06 -8.66 -11.21
N ARG B 170 -5.38 -7.87 -10.18
CA ARG B 170 -6.09 -8.44 -9.00
C ARG B 170 -7.50 -8.91 -9.31
N GLY B 171 -8.30 -8.10 -9.98
CA GLY B 171 -9.70 -8.52 -10.31
C GLY B 171 -9.72 -9.73 -11.25
N LEU B 172 -8.90 -9.71 -12.29
CA LEU B 172 -8.85 -10.81 -13.24
C LEU B 172 -8.42 -12.11 -12.51
N ALA B 173 -7.46 -12.00 -11.59
CA ALA B 173 -7.05 -13.20 -10.88
C ALA B 173 -8.21 -13.84 -10.10
N LYS B 174 -9.07 -13.01 -9.49
CA LYS B 174 -10.18 -13.56 -8.74
C LYS B 174 -11.17 -14.16 -9.70
N GLU B 175 -11.39 -13.53 -10.82
CA GLU B 175 -12.34 -14.05 -11.80
C GLU B 175 -11.92 -15.33 -12.56
N VAL B 176 -10.64 -15.52 -12.90
CA VAL B 176 -10.25 -16.67 -13.73
C VAL B 176 -9.61 -17.82 -12.99
N GLY B 177 -9.44 -17.68 -11.68
CA GLY B 177 -8.85 -18.76 -10.88
C GLY B 177 -9.99 -19.68 -10.46
N PRO B 178 -9.69 -20.95 -10.13
CA PRO B 178 -8.32 -21.51 -10.00
C PRO B 178 -7.68 -22.00 -11.30
N LYS B 179 -8.41 -22.05 -12.42
CA LYS B 179 -7.77 -22.53 -13.67
C LYS B 179 -6.50 -21.71 -14.11
N ILE B 180 -6.63 -20.40 -14.15
CA ILE B 180 -5.52 -19.51 -14.64
C ILE B 180 -5.01 -18.64 -13.50
N ARG B 181 -3.70 -18.46 -13.39
CA ARG B 181 -3.12 -17.41 -12.52
C ARG B 181 -2.89 -16.12 -13.30
N VAL B 182 -3.02 -15.01 -12.60
CA VAL B 182 -2.73 -13.70 -13.13
C VAL B 182 -1.90 -12.91 -12.11
N ASN B 183 -0.72 -12.42 -12.55
CA ASN B 183 0.17 -11.61 -11.68
C ASN B 183 0.86 -10.50 -12.47
N ALA B 184 1.43 -9.53 -11.75
CA ALA B 184 2.11 -8.40 -12.41
C ALA B 184 3.51 -8.30 -11.86
N VAL B 185 4.47 -7.92 -12.72
CA VAL B 185 5.75 -7.40 -12.27
C VAL B 185 5.69 -5.88 -12.15
N CYS B 186 6.42 -5.37 -11.16
CA CYS B 186 6.37 -3.98 -10.80
CA CYS B 186 6.38 -3.95 -10.82
C CYS B 186 7.80 -3.39 -10.76
N PRO B 187 8.38 -3.07 -11.93
CA PRO B 187 9.74 -2.51 -11.94
C PRO B 187 9.80 -1.05 -11.56
N GLY B 188 11.02 -0.57 -11.33
CA GLY B 188 11.26 0.86 -11.21
C GLY B 188 11.72 1.32 -12.60
N MET B 189 12.76 2.16 -12.62
CA MET B 189 13.13 2.84 -13.81
C MET B 189 14.64 2.95 -13.85
N ILE B 190 15.21 3.19 -15.02
CA ILE B 190 16.68 3.34 -15.15
C ILE B 190 17.06 4.82 -15.06
N SER B 191 17.90 5.18 -14.09
CA SER B 191 18.28 6.57 -14.00
C SER B 191 19.39 6.91 -14.98
N THR B 192 19.29 8.09 -15.57
CA THR B 192 20.25 8.58 -16.55
C THR B 192 21.44 9.32 -15.91
N THR B 193 21.45 9.43 -14.58
CA THR B 193 22.48 10.23 -13.91
C THR B 193 23.88 9.85 -14.41
N ARG B 215 21.52 -0.55 -6.98
CA ARG B 215 21.55 -1.71 -7.86
C ARG B 215 20.29 -1.79 -8.71
N GLU B 216 20.40 -1.34 -9.97
CA GLU B 216 19.29 -1.34 -10.90
C GLU B 216 19.43 -2.47 -11.90
N GLY B 217 18.44 -3.35 -11.95
CA GLY B 217 18.49 -4.40 -12.95
C GLY B 217 17.99 -3.88 -14.29
N SER B 218 18.17 -4.66 -15.34
CA SER B 218 17.73 -4.23 -16.64
C SER B 218 16.57 -5.11 -17.11
N SER B 219 16.11 -4.89 -18.34
CA SER B 219 15.11 -5.78 -18.97
C SER B 219 15.46 -7.28 -18.89
N GLU B 220 16.78 -7.61 -18.86
CA GLU B 220 17.22 -9.00 -18.81
C GLU B 220 16.84 -9.58 -17.46
N ASP B 221 16.91 -8.75 -16.43
CA ASP B 221 16.53 -9.16 -15.08
C ASP B 221 15.01 -9.16 -14.86
N VAL B 222 14.32 -8.15 -15.34
CA VAL B 222 12.85 -8.20 -15.31
C VAL B 222 12.32 -9.49 -16.00
N ALA B 223 12.86 -9.83 -17.17
CA ALA B 223 12.59 -11.08 -17.86
C ALA B 223 12.75 -12.31 -16.95
N GLY B 224 13.76 -12.30 -16.08
CA GLY B 224 13.97 -13.36 -15.14
C GLY B 224 12.84 -13.43 -14.12
N LEU B 225 12.34 -12.28 -13.65
CA LEU B 225 11.19 -12.26 -12.75
C LEU B 225 9.92 -12.76 -13.47
N VAL B 226 9.71 -12.30 -14.72
CA VAL B 226 8.58 -12.80 -15.53
C VAL B 226 8.60 -14.32 -15.66
N ALA B 227 9.78 -14.87 -16.00
CA ALA B 227 9.92 -16.32 -16.14
C ALA B 227 9.53 -17.05 -14.84
N PHE B 228 10.05 -16.57 -13.73
CA PHE B 228 9.62 -17.13 -12.46
C PHE B 228 8.06 -17.19 -12.29
N LEU B 229 7.40 -16.06 -12.50
CA LEU B 229 5.98 -15.95 -12.35
C LEU B 229 5.20 -16.84 -13.33
N ALA B 230 5.84 -17.22 -14.43
CA ALA B 230 5.19 -18.07 -15.41
C ALA B 230 5.44 -19.54 -15.04
N SER B 231 6.37 -19.77 -14.11
CA SER B 231 6.84 -21.14 -13.84
C SER B 231 5.96 -21.90 -12.82
N ASP B 232 6.30 -23.19 -12.69
CA ASP B 232 5.70 -24.16 -11.74
C ASP B 232 5.91 -23.79 -10.26
N ASP B 233 7.07 -23.25 -9.90
CA ASP B 233 7.27 -22.69 -8.55
C ASP B 233 6.34 -21.54 -8.19
N ALA B 234 5.67 -20.96 -9.17
CA ALA B 234 4.73 -19.90 -8.82
C ALA B 234 3.29 -20.37 -9.00
N ALA B 235 3.08 -21.69 -9.01
CA ALA B 235 1.71 -22.24 -9.14
C ALA B 235 0.69 -21.67 -8.15
N TYR B 236 1.12 -21.34 -6.93
CA TYR B 236 0.18 -20.83 -5.94
C TYR B 236 0.24 -19.30 -5.70
N VAL B 237 0.90 -18.61 -6.62
CA VAL B 237 0.86 -17.15 -6.64
C VAL B 237 -0.15 -16.66 -7.65
N THR B 238 -1.08 -15.84 -7.22
CA THR B 238 -1.98 -15.22 -8.15
C THR B 238 -2.48 -13.93 -7.55
N GLY B 239 -2.71 -12.94 -8.39
CA GLY B 239 -3.37 -11.72 -7.92
C GLY B 239 -2.35 -10.77 -7.30
N ALA B 240 -1.08 -11.12 -7.44
CA ALA B 240 -0.01 -10.39 -6.77
C ALA B 240 0.78 -9.43 -7.70
N CYS B 241 1.35 -8.39 -7.11
CA CYS B 241 2.28 -7.49 -7.80
C CYS B 241 3.69 -7.67 -7.25
N TYR B 242 4.61 -8.13 -8.11
CA TYR B 242 5.97 -8.47 -7.71
C TYR B 242 6.97 -7.38 -8.12
N ASP B 243 7.53 -6.70 -7.12
CA ASP B 243 8.47 -5.61 -7.36
C ASP B 243 9.84 -6.12 -7.72
N ILE B 244 10.57 -5.30 -8.47
CA ILE B 244 11.97 -5.56 -8.74
C ILE B 244 12.59 -4.18 -8.98
N ASN B 245 13.80 -3.93 -8.51
CA ASN B 245 14.46 -2.62 -8.72
C ASN B 245 15.15 -2.55 -10.06
N GLY B 246 15.21 -1.36 -10.66
CA GLY B 246 15.65 -1.21 -12.03
C GLY B 246 14.48 -1.48 -12.96
N GLY B 247 14.72 -1.52 -14.27
CA GLY B 247 13.59 -1.49 -15.19
C GLY B 247 13.80 -1.35 -16.69
N VAL B 248 12.76 -0.92 -17.39
CA VAL B 248 12.70 -0.97 -18.84
C VAL B 248 12.77 0.41 -19.56
N LEU B 249 12.71 1.48 -18.78
CA LEU B 249 12.77 2.83 -19.38
C LEU B 249 13.45 3.86 -18.46
N PHE B 250 13.88 4.97 -19.04
CA PHE B 250 14.62 6.04 -18.29
C PHE B 250 13.66 6.86 -17.38
N SER B 251 14.06 7.15 -16.15
CA SER B 251 13.25 8.04 -15.29
C SER B 251 13.44 9.53 -15.66
N GLN C 4 -18.47 29.00 7.83
CA GLN C 4 -17.54 29.98 7.19
C GLN C 4 -16.31 29.36 6.49
N ARG C 5 -16.12 28.03 6.54
CA ARG C 5 -14.97 27.43 5.76
C ARG C 5 -15.04 27.69 4.26
N PHE C 6 -16.24 27.82 3.71
CA PHE C 6 -16.31 28.07 2.28
C PHE C 6 -16.98 29.40 1.94
N THR C 7 -16.84 30.36 2.84
CA THR C 7 -17.44 31.68 2.65
C THR C 7 -16.89 32.38 1.40
N ASN C 8 -17.78 32.69 0.46
CA ASN C 8 -17.38 33.29 -0.83
C ASN C 8 -16.46 32.41 -1.68
N ARG C 9 -16.62 31.08 -1.56
CA ARG C 9 -15.86 30.16 -2.40
C ARG C 9 -16.84 29.46 -3.34
N THR C 10 -16.34 29.14 -4.52
CA THR C 10 -17.12 28.46 -5.54
C THR C 10 -16.63 27.03 -5.66
N ILE C 11 -17.55 26.09 -5.56
CA ILE C 11 -17.25 24.68 -5.70
C ILE C 11 -18.03 24.11 -6.88
N VAL C 12 -17.35 23.38 -7.76
CA VAL C 12 -18.03 22.59 -8.79
C VAL C 12 -18.17 21.16 -8.28
N VAL C 13 -19.39 20.65 -8.24
CA VAL C 13 -19.59 19.23 -7.92
C VAL C 13 -20.00 18.52 -9.22
N ALA C 14 -19.08 17.73 -9.76
CA ALA C 14 -19.36 17.09 -11.01
C ALA C 14 -20.05 15.74 -10.75
N GLY C 15 -21.33 15.66 -11.11
CA GLY C 15 -22.15 14.47 -10.85
C GLY C 15 -22.91 14.66 -9.55
N ALA C 16 -23.83 15.62 -9.53
CA ALA C 16 -24.44 16.04 -8.28
C ALA C 16 -25.97 15.85 -8.22
N GLY C 17 -26.50 14.86 -8.93
CA GLY C 17 -27.94 14.72 -9.01
C GLY C 17 -28.47 13.72 -7.99
N ARG C 18 -27.60 12.90 -7.43
CA ARG C 18 -28.10 11.91 -6.53
C ARG C 18 -27.12 11.69 -5.40
N ASP C 19 -27.61 10.96 -4.41
CA ASP C 19 -26.78 10.45 -3.36
C ASP C 19 -25.64 11.41 -3.03
N ILE C 20 -24.42 10.96 -3.29
CA ILE C 20 -23.25 11.59 -2.64
C ILE C 20 -22.93 12.99 -3.15
N GLY C 21 -22.97 13.17 -4.47
CA GLY C 21 -22.76 14.49 -5.06
C GLY C 21 -23.77 15.54 -4.59
N ARG C 22 -25.02 15.10 -4.40
CA ARG C 22 -26.08 16.00 -3.99
C ARG C 22 -25.81 16.40 -2.55
N ALA C 23 -25.44 15.43 -1.72
CA ALA C 23 -25.09 15.72 -0.34
C ALA C 23 -23.88 16.62 -0.27
N CYS C 24 -22.89 16.42 -1.15
CA CYS C 24 -21.73 17.31 -1.17
C CYS C 24 -22.16 18.73 -1.45
N ALA C 25 -22.94 18.90 -2.53
CA ALA C 25 -23.31 20.22 -2.99
C ALA C 25 -24.04 20.93 -1.88
N ILE C 26 -24.83 20.19 -1.13
CA ILE C 26 -25.58 20.81 -0.06
C ILE C 26 -24.65 21.20 1.08
N ARG C 27 -23.90 20.22 1.62
CA ARG C 27 -22.93 20.48 2.66
C ARG C 27 -22.07 21.74 2.40
N PHE C 28 -21.59 21.90 1.18
CA PHE C 28 -20.75 23.04 0.83
C PHE C 28 -21.49 24.37 0.99
N ALA C 29 -22.74 24.39 0.52
CA ALA C 29 -23.64 25.52 0.68
C ALA C 29 -23.80 25.84 2.16
N GLN C 30 -24.10 24.82 2.97
CA GLN C 30 -24.19 25.00 4.42
C GLN C 30 -22.99 25.72 5.04
N GLU C 31 -21.83 25.69 4.38
CA GLU C 31 -20.62 26.34 4.92
C GLU C 31 -20.28 27.58 4.07
N GLY C 32 -21.22 28.02 3.25
CA GLY C 32 -21.11 29.32 2.62
C GLY C 32 -20.78 29.35 1.15
N ALA C 33 -20.74 28.19 0.52
CA ALA C 33 -20.20 28.15 -0.83
C ALA C 33 -21.21 28.60 -1.88
N ASN C 34 -20.71 29.19 -2.97
CA ASN C 34 -21.42 29.18 -4.25
C ASN C 34 -21.18 27.83 -4.90
N VAL C 35 -22.23 27.18 -5.40
CA VAL C 35 -22.12 25.79 -5.84
C VAL C 35 -22.66 25.56 -7.25
N VAL C 36 -21.81 25.03 -8.13
CA VAL C 36 -22.24 24.54 -9.43
C VAL C 36 -22.43 23.01 -9.42
N LEU C 37 -23.58 22.54 -9.90
CA LEU C 37 -23.88 21.12 -9.93
C LEU C 37 -24.00 20.66 -11.37
N THR C 38 -23.26 19.61 -11.73
CA THR C 38 -23.50 19.00 -13.01
C THR C 38 -24.31 17.77 -12.76
N TYR C 39 -25.15 17.42 -13.72
CA TYR C 39 -25.85 16.16 -13.68
C TYR C 39 -26.00 15.72 -15.14
N ASN C 40 -26.19 14.43 -15.33
CA ASN C 40 -26.53 13.94 -16.65
C ASN C 40 -27.80 13.09 -16.65
N GLY C 41 -28.38 12.88 -15.47
CA GLY C 41 -29.61 12.12 -15.36
C GLY C 41 -30.86 12.97 -15.47
N ALA C 42 -31.98 12.40 -15.02
CA ALA C 42 -33.16 13.21 -14.80
C ALA C 42 -32.74 14.41 -13.91
N ALA C 43 -33.28 15.60 -14.22
CA ALA C 43 -32.83 16.83 -13.55
C ALA C 43 -33.47 17.11 -12.19
N GLU C 44 -34.32 16.21 -11.70
CA GLU C 44 -35.02 16.39 -10.41
C GLU C 44 -34.09 16.66 -9.24
N GLY C 45 -33.24 15.68 -8.91
CA GLY C 45 -32.33 15.76 -7.76
C GLY C 45 -31.45 17.01 -7.71
N ALA C 46 -30.94 17.41 -8.87
CA ALA C 46 -30.08 18.59 -8.96
C ALA C 46 -30.86 19.91 -8.77
N ALA C 47 -32.11 19.96 -9.25
CA ALA C 47 -32.94 21.15 -9.01
C ALA C 47 -33.48 21.18 -7.59
N THR C 48 -33.88 20.03 -7.06
CA THR C 48 -34.23 19.92 -5.66
C THR C 48 -33.12 20.64 -4.91
N ALA C 49 -31.91 20.18 -5.16
CA ALA C 49 -30.73 20.65 -4.44
C ALA C 49 -30.54 22.14 -4.65
N VAL C 50 -30.64 22.59 -5.89
CA VAL C 50 -30.48 24.01 -6.13
C VAL C 50 -31.47 24.77 -5.25
N ALA C 51 -32.66 24.20 -5.07
CA ALA C 51 -33.70 24.84 -4.27
C ALA C 51 -33.34 24.89 -2.79
N GLU C 52 -32.94 23.75 -2.23
CA GLU C 52 -32.46 23.70 -0.85
C GLU C 52 -31.37 24.69 -0.58
N ILE C 53 -30.56 24.96 -1.59
CA ILE C 53 -29.38 25.80 -1.40
C ILE C 53 -29.81 27.28 -1.38
N GLU C 54 -30.78 27.61 -2.20
CA GLU C 54 -31.25 28.99 -2.20
C GLU C 54 -32.05 29.27 -0.93
N LYS C 55 -32.75 28.26 -0.44
CA LYS C 55 -33.34 28.32 0.89
C LYS C 55 -32.35 28.76 1.94
N LEU C 56 -31.07 28.40 1.78
CA LEU C 56 -30.08 28.74 2.82
C LEU C 56 -29.55 30.13 2.60
N GLY C 57 -29.98 30.75 1.51
CA GLY C 57 -29.52 32.09 1.16
C GLY C 57 -28.22 32.12 0.36
N ARG C 58 -27.91 31.02 -0.32
CA ARG C 58 -26.67 30.90 -1.14
C ARG C 58 -27.02 30.64 -2.60
N SER C 59 -26.10 31.03 -3.48
CA SER C 59 -26.29 30.83 -4.91
C SER C 59 -25.82 29.44 -5.34
N ALA C 60 -26.59 28.82 -6.25
CA ALA C 60 -26.26 27.56 -6.89
C ALA C 60 -26.64 27.62 -8.36
N LEU C 61 -26.12 26.70 -9.15
CA LEU C 61 -26.35 26.63 -10.59
C LEU C 61 -26.24 25.15 -10.97
N ALA C 62 -27.32 24.58 -11.50
CA ALA C 62 -27.30 23.22 -11.99
C ALA C 62 -27.04 23.29 -13.50
N ILE C 63 -26.27 22.33 -14.02
CA ILE C 63 -26.00 22.25 -15.46
C ILE C 63 -26.02 20.81 -15.89
N LYS C 64 -26.72 20.55 -16.99
CA LYS C 64 -26.73 19.25 -17.58
C LYS C 64 -25.42 19.04 -18.34
N ALA C 65 -24.68 17.99 -17.99
CA ALA C 65 -23.42 17.70 -18.69
C ALA C 65 -23.07 16.23 -18.69
N ASP C 66 -22.81 15.70 -19.89
CA ASP C 66 -22.20 14.37 -20.06
C ASP C 66 -20.70 14.60 -19.87
N LEU C 67 -20.17 14.12 -18.75
CA LEU C 67 -18.78 14.41 -18.36
C LEU C 67 -17.75 13.58 -19.16
N THR C 68 -18.23 12.69 -20.03
CA THR C 68 -17.37 12.00 -21.00
C THR C 68 -17.26 12.81 -22.29
N ASN C 69 -17.93 13.96 -22.32
CA ASN C 69 -17.96 14.79 -23.54
C ASN C 69 -17.15 16.09 -23.35
N ALA C 70 -16.09 16.23 -24.12
CA ALA C 70 -15.14 17.27 -23.86
C ALA C 70 -15.82 18.62 -24.01
N ALA C 71 -16.71 18.74 -25.00
CA ALA C 71 -17.42 19.99 -25.27
C ALA C 71 -18.35 20.37 -24.13
N GLU C 72 -19.14 19.44 -23.63
CA GLU C 72 -20.04 19.72 -22.52
C GLU C 72 -19.31 20.11 -21.23
N VAL C 73 -18.17 19.46 -20.95
CA VAL C 73 -17.33 19.79 -19.80
C VAL C 73 -16.78 21.21 -19.92
N GLU C 74 -16.29 21.57 -21.12
CA GLU C 74 -15.82 22.93 -21.36
C GLU C 74 -16.92 23.95 -21.17
N ALA C 75 -18.12 23.65 -21.63
CA ALA C 75 -19.22 24.59 -21.46
C ALA C 75 -19.65 24.66 -20.00
N ALA C 76 -19.57 23.55 -19.30
CA ALA C 76 -20.01 23.56 -17.91
C ALA C 76 -19.01 24.35 -17.06
N ILE C 77 -17.73 24.06 -17.23
CA ILE C 77 -16.74 24.83 -16.53
C ILE C 77 -16.91 26.31 -16.85
N SER C 78 -17.02 26.63 -18.14
CA SER C 78 -17.15 28.01 -18.60
C SER C 78 -18.30 28.79 -17.97
N ALA C 79 -19.42 28.09 -17.74
CA ALA C 79 -20.62 28.71 -17.18
C ALA C 79 -20.41 28.97 -15.72
N ALA C 80 -19.85 28.01 -15.00
CA ALA C 80 -19.33 28.23 -13.64
C ALA C 80 -18.50 29.51 -13.56
N ALA C 81 -17.53 29.67 -14.45
CA ALA C 81 -16.63 30.81 -14.37
C ALA C 81 -17.41 32.13 -14.61
N ASP C 82 -18.24 32.15 -15.63
CA ASP C 82 -18.95 33.36 -16.00
C ASP C 82 -19.77 33.79 -14.81
N LYS C 83 -20.53 32.85 -14.25
CA LYS C 83 -21.43 33.12 -13.15
C LYS C 83 -20.74 33.51 -11.85
N PHE C 84 -19.70 32.77 -11.46
CA PHE C 84 -19.13 32.91 -10.11
C PHE C 84 -17.68 33.33 -10.04
N GLY C 85 -16.95 33.22 -11.12
CA GLY C 85 -15.54 33.63 -11.06
C GLY C 85 -14.60 32.45 -10.87
N GLU C 86 -13.56 32.63 -10.06
CA GLU C 86 -12.56 31.57 -9.88
C GLU C 86 -13.11 30.35 -9.15
N ILE C 87 -12.75 29.16 -9.64
CA ILE C 87 -13.19 27.90 -9.00
C ILE C 87 -12.24 27.50 -7.86
N HIS C 88 -12.76 27.25 -6.66
CA HIS C 88 -11.93 26.88 -5.53
CA HIS C 88 -11.91 26.85 -5.52
C HIS C 88 -11.87 25.36 -5.33
N GLY C 89 -12.86 24.63 -5.84
CA GLY C 89 -12.89 23.22 -5.59
C GLY C 89 -13.64 22.49 -6.67
N LEU C 90 -12.99 21.46 -7.20
CA LEU C 90 -13.60 20.46 -8.05
C LEU C 90 -13.77 19.14 -7.30
N VAL C 91 -14.98 18.65 -7.27
CA VAL C 91 -15.26 17.39 -6.62
C VAL C 91 -15.82 16.46 -7.68
N HIS C 92 -14.99 15.52 -8.15
CA HIS C 92 -15.43 14.64 -9.24
C HIS C 92 -16.08 13.41 -8.70
N VAL C 93 -17.40 13.45 -8.57
CA VAL C 93 -18.15 12.35 -8.00
C VAL C 93 -18.61 11.40 -9.11
N ALA C 94 -18.61 11.82 -10.36
CA ALA C 94 -19.11 10.94 -11.45
C ALA C 94 -18.27 9.67 -11.56
N GLY C 95 -18.96 8.56 -11.83
CA GLY C 95 -18.35 7.23 -11.83
C GLY C 95 -19.43 6.17 -11.70
N GLY C 96 -19.09 4.89 -11.72
CA GLY C 96 -20.15 3.89 -11.69
C GLY C 96 -19.80 2.54 -12.28
N LEU C 97 -20.45 1.50 -11.73
CA LEU C 97 -20.26 0.11 -12.14
C LEU C 97 -20.78 -0.11 -13.54
N ILE C 98 -21.86 0.60 -13.89
CA ILE C 98 -22.63 0.41 -15.12
C ILE C 98 -23.31 -0.97 -15.16
N ALA C 99 -22.53 -2.04 -15.12
CA ALA C 99 -23.13 -3.38 -15.01
C ALA C 99 -22.08 -4.40 -14.61
N ARG C 100 -22.51 -5.59 -14.23
CA ARG C 100 -21.57 -6.65 -13.85
C ARG C 100 -21.40 -7.63 -15.00
N LYS C 101 -20.18 -7.72 -15.51
CA LYS C 101 -19.90 -8.65 -16.61
C LYS C 101 -18.50 -9.17 -16.49
N THR C 102 -18.35 -10.47 -16.60
CA THR C 102 -17.06 -11.11 -16.73
C THR C 102 -16.42 -10.64 -18.05
N ILE C 103 -15.15 -10.94 -18.20
CA ILE C 103 -14.38 -10.43 -19.33
C ILE C 103 -14.88 -11.02 -20.64
N ALA C 104 -15.25 -12.30 -20.66
CA ALA C 104 -15.90 -12.87 -21.87
C ALA C 104 -17.18 -12.12 -22.25
N GLU C 105 -17.83 -11.49 -21.28
CA GLU C 105 -19.10 -10.79 -21.55
C GLU C 105 -18.92 -9.34 -21.95
N MET C 106 -17.73 -8.79 -21.71
CA MET C 106 -17.52 -7.40 -22.04
C MET C 106 -17.09 -7.28 -23.47
N ASP C 107 -17.70 -6.38 -24.20
CA ASP C 107 -17.12 -6.07 -25.49
C ASP C 107 -16.33 -4.78 -25.39
N GLU C 108 -15.47 -4.55 -26.36
CA GLU C 108 -14.66 -3.32 -26.32
C GLU C 108 -15.46 -2.05 -25.99
N ALA C 109 -16.70 -1.95 -26.48
CA ALA C 109 -17.49 -0.72 -26.25
C ALA C 109 -17.92 -0.58 -24.79
N PHE C 110 -18.28 -1.70 -24.17
CA PHE C 110 -18.56 -1.69 -22.75
C PHE C 110 -17.33 -1.32 -21.90
N TRP C 111 -16.16 -1.81 -22.30
CA TRP C 111 -14.93 -1.54 -21.53
C TRP C 111 -14.72 -0.04 -21.58
N HIS C 112 -14.86 0.53 -22.76
CA HIS C 112 -14.64 1.95 -22.92
C HIS C 112 -15.65 2.77 -22.18
N GLN C 113 -16.85 2.23 -22.07
CA GLN C 113 -17.88 2.99 -21.45
C GLN C 113 -17.59 3.11 -19.94
N VAL C 114 -17.18 2.01 -19.33
CA VAL C 114 -16.87 2.07 -17.91
C VAL C 114 -15.63 2.95 -17.63
N LEU C 115 -14.61 2.89 -18.48
CA LEU C 115 -13.43 3.66 -18.19
C LEU C 115 -13.71 5.14 -18.46
N ASP C 116 -14.51 5.44 -19.50
CA ASP C 116 -14.86 6.83 -19.79
C ASP C 116 -15.71 7.44 -18.68
N VAL C 117 -16.67 6.71 -18.14
CA VAL C 117 -17.49 7.31 -17.06
C VAL C 117 -16.69 7.53 -15.77
N ASN C 118 -15.84 6.59 -15.40
CA ASN C 118 -15.08 6.73 -14.16
C ASN C 118 -13.76 7.47 -14.31
N LEU C 119 -13.06 7.23 -15.41
CA LEU C 119 -11.70 7.73 -15.52
C LEU C 119 -11.48 8.88 -16.49
N THR C 120 -11.84 8.68 -17.77
CA THR C 120 -11.78 9.78 -18.75
C THR C 120 -12.54 11.04 -18.32
N SER C 121 -13.69 10.87 -17.65
CA SER C 121 -14.45 12.02 -17.21
C SER C 121 -13.61 12.88 -16.26
N LEU C 122 -12.86 12.21 -15.39
CA LEU C 122 -12.01 12.91 -14.40
C LEU C 122 -10.84 13.64 -15.08
N PHE C 123 -10.25 13.00 -16.08
CA PHE C 123 -9.23 13.65 -16.89
C PHE C 123 -9.78 14.93 -17.52
N LEU C 124 -10.96 14.81 -18.13
CA LEU C 124 -11.62 15.99 -18.73
C LEU C 124 -11.97 17.09 -17.70
N THR C 125 -12.60 16.73 -16.58
CA THR C 125 -13.02 17.77 -15.63
C THR C 125 -11.79 18.41 -14.95
N ALA C 126 -10.79 17.62 -14.56
CA ALA C 126 -9.56 18.22 -13.99
C ALA C 126 -8.81 19.07 -15.01
N LYS C 127 -8.65 18.56 -16.21
CA LYS C 127 -7.91 19.32 -17.21
C LYS C 127 -8.58 20.71 -17.48
N THR C 128 -9.90 20.68 -17.56
CA THR C 128 -10.65 21.86 -17.93
C THR C 128 -10.67 22.90 -16.78
N ALA C 129 -10.90 22.45 -15.55
CA ALA C 129 -11.04 23.32 -14.37
C ALA C 129 -9.74 23.96 -13.95
N LEU C 130 -8.68 23.18 -14.00
CA LEU C 130 -7.40 23.61 -13.49
C LEU C 130 -7.01 25.05 -13.84
N PRO C 131 -7.04 25.41 -15.13
CA PRO C 131 -6.58 26.74 -15.49
C PRO C 131 -7.52 27.84 -14.97
N LYS C 132 -8.73 27.46 -14.53
CA LYS C 132 -9.67 28.39 -13.94
C LYS C 132 -9.78 28.19 -12.44
N MET C 133 -8.78 27.56 -11.80
CA MET C 133 -8.89 27.42 -10.37
C MET C 133 -8.12 28.50 -9.60
N ALA C 134 -8.64 28.85 -8.43
CA ALA C 134 -7.96 29.78 -7.54
C ALA C 134 -6.74 29.14 -6.93
N LYS C 135 -5.69 29.92 -6.76
CA LYS C 135 -4.60 29.51 -5.90
C LYS C 135 -5.12 29.06 -4.55
N GLY C 136 -4.70 27.90 -4.07
CA GLY C 136 -5.21 27.37 -2.79
C GLY C 136 -6.40 26.46 -3.00
N GLY C 137 -6.80 26.30 -4.26
CA GLY C 137 -7.92 25.44 -4.61
C GLY C 137 -7.63 23.96 -4.37
N ALA C 138 -8.62 23.12 -4.64
CA ALA C 138 -8.51 21.72 -4.28
C ALA C 138 -9.40 20.88 -5.16
N ILE C 139 -8.84 19.72 -5.54
CA ILE C 139 -9.60 18.68 -6.21
C ILE C 139 -9.81 17.51 -5.25
N VAL C 140 -10.99 16.92 -5.34
CA VAL C 140 -11.35 15.73 -4.59
C VAL C 140 -12.00 14.72 -5.53
N THR C 141 -11.39 13.54 -5.60
CA THR C 141 -11.82 12.45 -6.45
C THR C 141 -12.35 11.28 -5.62
N PHE C 142 -12.88 10.27 -6.30
CA PHE C 142 -13.49 9.13 -5.61
C PHE C 142 -12.87 7.80 -6.00
N SER C 143 -12.10 7.26 -5.08
CA SER C 143 -11.50 6.01 -5.33
C SER C 143 -12.44 5.04 -4.69
N SER C 144 -11.98 3.81 -4.45
CA SER C 144 -12.84 2.76 -3.95
C SER C 144 -12.03 1.54 -3.51
N GLN C 145 -12.56 0.76 -2.57
CA GLN C 145 -11.81 -0.40 -2.10
C GLN C 145 -11.64 -1.39 -3.24
N ALA C 146 -12.56 -1.35 -4.21
CA ALA C 146 -12.39 -2.17 -5.42
C ALA C 146 -11.08 -1.80 -6.15
N GLY C 147 -10.71 -0.52 -6.15
CA GLY C 147 -9.43 -0.12 -6.76
C GLY C 147 -8.21 -0.79 -6.12
N ARG C 148 -8.33 -1.13 -4.84
CA ARG C 148 -7.26 -1.70 -4.06
C ARG C 148 -7.19 -3.21 -4.17
N ASP C 149 -8.35 -3.84 -4.21
CA ASP C 149 -8.38 -5.29 -4.18
C ASP C 149 -8.89 -5.97 -5.45
N GLY C 150 -9.31 -5.19 -6.44
CA GLY C 150 -9.65 -5.76 -7.73
C GLY C 150 -11.15 -5.98 -7.95
N GLY C 151 -11.94 -5.82 -6.88
CA GLY C 151 -13.39 -5.73 -7.04
C GLY C 151 -14.10 -7.04 -6.81
N GLY C 152 -15.43 -7.02 -6.81
CA GLY C 152 -16.17 -8.27 -6.67
C GLY C 152 -16.62 -8.79 -8.04
N PRO C 153 -17.37 -9.90 -8.04
CA PRO C 153 -17.72 -10.61 -9.29
C PRO C 153 -18.40 -9.68 -10.29
N GLY C 154 -17.87 -9.61 -11.53
CA GLY C 154 -18.46 -8.79 -12.59
C GLY C 154 -18.05 -7.33 -12.60
N ALA C 155 -17.22 -6.95 -11.64
CA ALA C 155 -16.88 -5.55 -11.49
C ALA C 155 -15.45 -5.21 -11.98
N LEU C 156 -14.86 -6.11 -12.78
CA LEU C 156 -13.48 -5.92 -13.24
C LEU C 156 -13.22 -4.53 -13.83
N ALA C 157 -14.09 -4.07 -14.72
CA ALA C 157 -13.84 -2.82 -15.44
C ALA C 157 -13.96 -1.60 -14.52
N TYR C 158 -14.94 -1.65 -13.64
CA TYR C 158 -15.15 -0.63 -12.66
C TYR C 158 -13.97 -0.52 -11.69
N ALA C 159 -13.56 -1.66 -11.12
CA ALA C 159 -12.40 -1.71 -10.21
C ALA C 159 -11.15 -1.13 -10.86
N THR C 160 -10.89 -1.53 -12.09
CA THR C 160 -9.74 -1.02 -12.86
C THR C 160 -9.77 0.49 -12.96
N SER C 161 -10.93 1.04 -13.31
CA SER C 161 -11.07 2.50 -13.42
C SER C 161 -10.84 3.17 -12.06
N LYS C 162 -11.18 2.47 -11.00
CA LYS C 162 -11.01 3.07 -9.69
C LYS C 162 -9.53 3.10 -9.28
N GLY C 163 -8.80 2.00 -9.58
CA GLY C 163 -7.34 1.92 -9.30
C GLY C 163 -6.65 3.05 -10.08
N ALA C 164 -7.08 3.27 -11.31
CA ALA C 164 -6.50 4.35 -12.13
C ALA C 164 -6.75 5.72 -11.50
N VAL C 165 -7.99 5.94 -11.03
CA VAL C 165 -8.36 7.22 -10.39
C VAL C 165 -7.44 7.44 -9.22
N MET C 166 -7.12 6.38 -8.47
CA MET C 166 -6.23 6.55 -7.28
C MET C 166 -4.81 6.95 -7.68
N THR C 167 -4.24 6.24 -8.66
CA THR C 167 -2.93 6.64 -9.18
C THR C 167 -2.98 8.03 -9.76
N PHE C 168 -4.03 8.35 -10.52
CA PHE C 168 -4.14 9.68 -11.16
C PHE C 168 -4.14 10.78 -10.08
N THR C 169 -4.91 10.56 -9.03
CA THR C 169 -4.95 11.49 -7.89
C THR C 169 -3.52 11.83 -7.36
N ARG C 170 -2.72 10.81 -7.06
CA ARG C 170 -1.31 10.98 -6.60
C ARG C 170 -0.41 11.67 -7.61
N GLY C 171 -0.54 11.30 -8.89
CA GLY C 171 0.28 11.89 -9.91
C GLY C 171 -0.10 13.35 -10.10
N LEU C 172 -1.38 13.65 -10.19
CA LEU C 172 -1.79 15.03 -10.36
C LEU C 172 -1.38 15.90 -9.13
N ALA C 173 -1.57 15.39 -7.93
CA ALA C 173 -1.16 16.13 -6.74
C ALA C 173 0.27 16.64 -6.84
N LYS C 174 1.17 15.82 -7.34
CA LYS C 174 2.58 16.25 -7.48
C LYS C 174 2.70 17.26 -8.60
N GLU C 175 1.93 17.06 -9.68
CA GLU C 175 2.03 17.92 -10.81
C GLU C 175 1.50 19.33 -10.49
N VAL C 176 0.35 19.42 -9.82
CA VAL C 176 -0.22 20.75 -9.63
C VAL C 176 0.06 21.47 -8.30
N GLY C 177 0.73 20.85 -7.33
CA GLY C 177 0.96 21.50 -6.06
C GLY C 177 2.16 22.44 -6.21
N PRO C 178 2.36 23.37 -5.26
CA PRO C 178 1.56 23.64 -4.06
C PRO C 178 0.30 24.43 -4.38
N LYS C 179 0.19 24.92 -5.61
CA LYS C 179 -0.93 25.80 -5.88
C LYS C 179 -2.24 25.11 -5.61
N ILE C 180 -2.36 23.85 -6.06
CA ILE C 180 -3.63 23.13 -6.02
C ILE C 180 -3.38 21.76 -5.32
N ARG C 181 -4.24 21.41 -4.37
CA ARG C 181 -4.19 20.07 -3.71
C ARG C 181 -5.11 19.07 -4.38
N VAL C 182 -4.71 17.80 -4.39
CA VAL C 182 -5.57 16.75 -4.96
C VAL C 182 -5.61 15.50 -4.05
N ASN C 183 -6.78 15.04 -3.67
CA ASN C 183 -6.94 13.89 -2.78
C ASN C 183 -8.18 13.08 -3.15
N ALA C 184 -8.27 11.85 -2.66
CA ALA C 184 -9.38 10.95 -2.94
C ALA C 184 -10.13 10.64 -1.66
N VAL C 185 -11.43 10.43 -1.76
CA VAL C 185 -12.13 9.80 -0.65
C VAL C 185 -12.33 8.40 -1.11
N CYS C 186 -12.20 7.43 -0.20
CA CYS C 186 -12.50 6.06 -0.51
C CYS C 186 -13.71 5.54 0.26
N PRO C 187 -14.92 5.66 -0.33
CA PRO C 187 -16.16 5.49 0.45
C PRO C 187 -16.60 4.05 0.56
N GLY C 217 -23.15 4.61 7.63
CA GLY C 217 -22.53 5.82 7.08
C GLY C 217 -23.29 6.31 5.86
N SER C 218 -23.70 7.56 5.87
CA SER C 218 -24.55 8.09 4.80
C SER C 218 -23.86 9.10 3.88
N SER C 219 -24.59 9.55 2.87
CA SER C 219 -24.06 10.54 1.96
C SER C 219 -23.63 11.85 2.64
N GLU C 220 -24.25 12.18 3.77
CA GLU C 220 -23.89 13.40 4.46
C GLU C 220 -22.54 13.23 5.18
N ASP C 221 -22.34 12.07 5.79
CA ASP C 221 -21.04 11.72 6.34
C ASP C 221 -19.94 11.85 5.28
N VAL C 222 -20.10 11.15 4.18
CA VAL C 222 -19.15 11.24 3.09
C VAL C 222 -18.90 12.72 2.79
N ALA C 223 -19.96 13.51 2.63
CA ALA C 223 -19.79 14.94 2.34
C ALA C 223 -18.97 15.74 3.38
N GLY C 224 -19.10 15.38 4.65
CA GLY C 224 -18.27 16.01 5.67
C GLY C 224 -16.77 15.75 5.44
N LEU C 225 -16.41 14.51 5.08
CA LEU C 225 -15.01 14.21 4.71
C LEU C 225 -14.56 15.02 3.48
N VAL C 226 -15.37 14.97 2.42
CA VAL C 226 -15.10 15.77 1.24
C VAL C 226 -14.89 17.23 1.57
N ALA C 227 -15.76 17.80 2.41
CA ALA C 227 -15.63 19.19 2.74
C ALA C 227 -14.32 19.43 3.45
N PHE C 228 -13.96 18.57 4.42
CA PHE C 228 -12.65 18.72 5.06
C PHE C 228 -11.50 18.77 4.02
N LEU C 229 -11.44 17.80 3.12
CA LEU C 229 -10.33 17.73 2.17
C LEU C 229 -10.32 18.94 1.29
N ALA C 230 -11.50 19.51 1.03
CA ALA C 230 -11.56 20.69 0.16
C ALA C 230 -11.22 22.01 0.89
N SER C 231 -11.15 21.93 2.22
CA SER C 231 -10.98 23.14 3.04
C SER C 231 -9.52 23.38 3.41
N ASP C 232 -9.22 24.59 3.89
CA ASP C 232 -7.89 24.93 4.41
C ASP C 232 -7.50 24.15 5.68
N ASP C 233 -8.47 23.48 6.29
CA ASP C 233 -8.16 22.51 7.35
C ASP C 233 -7.18 21.46 6.81
N ALA C 234 -7.26 21.18 5.51
CA ALA C 234 -6.39 20.13 4.95
C ALA C 234 -5.24 20.73 4.13
N ALA C 235 -4.90 21.97 4.44
CA ALA C 235 -3.85 22.69 3.72
C ALA C 235 -2.59 21.87 3.49
N TYR C 236 -2.28 20.92 4.38
CA TYR C 236 -1.01 20.11 4.26
C TYR C 236 -1.29 18.68 3.80
N VAL C 237 -2.48 18.47 3.26
CA VAL C 237 -2.87 17.11 2.87
C VAL C 237 -3.03 17.08 1.37
N THR C 238 -2.20 16.32 0.67
CA THR C 238 -2.32 16.25 -0.76
C THR C 238 -1.71 14.95 -1.22
N GLY C 239 -2.28 14.33 -2.25
CA GLY C 239 -1.76 13.08 -2.79
C GLY C 239 -2.26 11.87 -2.02
N ALA C 240 -3.30 12.06 -1.20
CA ALA C 240 -3.73 11.04 -0.23
C ALA C 240 -5.07 10.40 -0.54
N CYS C 241 -5.29 9.24 0.07
CA CYS C 241 -6.58 8.58 0.05
C CYS C 241 -7.13 8.52 1.47
N TYR C 242 -8.25 9.19 1.70
CA TYR C 242 -8.89 9.13 3.01
C TYR C 242 -10.11 8.17 2.95
N ASP C 243 -10.06 7.08 3.72
CA ASP C 243 -11.15 6.10 3.84
C ASP C 243 -12.30 6.59 4.74
N ILE C 244 -13.51 6.23 4.34
CA ILE C 244 -14.69 6.38 5.18
C ILE C 244 -15.67 5.20 4.95
N ASN C 245 -16.15 4.59 6.03
CA ASN C 245 -17.22 3.58 5.93
C ASN C 245 -18.57 4.23 5.76
N GLY C 246 -18.99 4.36 4.49
CA GLY C 246 -20.17 5.16 4.15
C GLY C 246 -20.61 5.00 2.71
N GLN D 4 21.02 -26.34 -8.83
CA GLN D 4 22.39 -25.93 -8.37
C GLN D 4 22.40 -24.44 -8.00
N ARG D 5 21.23 -23.86 -7.73
CA ARG D 5 21.22 -22.45 -7.21
C ARG D 5 21.96 -22.21 -5.89
N PHE D 6 22.01 -23.21 -5.00
CA PHE D 6 22.71 -23.00 -3.74
C PHE D 6 23.95 -23.89 -3.56
N THR D 7 24.63 -24.17 -4.66
CA THR D 7 25.88 -24.97 -4.63
C THR D 7 26.94 -24.36 -3.70
N ASN D 8 27.39 -25.10 -2.68
CA ASN D 8 28.41 -24.60 -1.76
C ASN D 8 27.94 -23.37 -0.99
N ARG D 9 26.63 -23.30 -0.75
CA ARG D 9 26.09 -22.16 -0.01
C ARG D 9 25.54 -22.68 1.28
N THR D 10 25.59 -21.82 2.29
CA THR D 10 25.12 -22.15 3.60
C THR D 10 23.90 -21.29 3.95
N ILE D 11 22.80 -21.96 4.28
CA ILE D 11 21.52 -21.35 4.59
C ILE D 11 21.13 -21.68 6.03
N VAL D 12 20.85 -20.66 6.83
CA VAL D 12 20.33 -20.89 8.17
C VAL D 12 18.82 -20.73 8.15
N VAL D 13 18.10 -21.79 8.50
CA VAL D 13 16.66 -21.71 8.59
C VAL D 13 16.29 -21.63 10.06
N ALA D 14 15.77 -20.48 10.49
CA ALA D 14 15.52 -20.27 11.88
C ALA D 14 14.05 -20.59 12.22
N GLY D 15 13.84 -21.74 12.86
CA GLY D 15 12.50 -22.23 13.18
C GLY D 15 12.16 -23.29 12.14
N ALA D 16 13.02 -24.30 12.02
CA ALA D 16 12.91 -25.26 10.94
C ALA D 16 12.28 -26.59 11.38
N GLY D 17 11.60 -26.61 12.51
CA GLY D 17 11.16 -27.86 13.10
C GLY D 17 9.91 -28.47 12.47
N ARG D 18 8.99 -27.62 12.05
CA ARG D 18 7.75 -28.07 11.48
C ARG D 18 7.43 -27.36 10.17
N ASP D 19 6.48 -27.92 9.44
CA ASP D 19 5.80 -27.21 8.36
C ASP D 19 6.71 -26.46 7.38
N ILE D 20 6.55 -25.14 7.37
CA ILE D 20 7.22 -24.29 6.40
C ILE D 20 8.75 -24.24 6.52
N GLY D 21 9.24 -24.02 7.74
CA GLY D 21 10.70 -23.99 7.99
C GLY D 21 11.31 -25.32 7.62
N ARG D 22 10.60 -26.40 7.93
CA ARG D 22 11.10 -27.71 7.62
C ARG D 22 11.20 -27.86 6.11
N ALA D 23 10.10 -27.56 5.42
CA ALA D 23 10.11 -27.59 3.95
C ALA D 23 11.19 -26.69 3.31
N CYS D 24 11.50 -25.56 3.93
CA CYS D 24 12.53 -24.68 3.39
C CYS D 24 13.87 -25.39 3.55
N ALA D 25 14.09 -25.96 4.72
CA ALA D 25 15.37 -26.61 4.98
C ALA D 25 15.68 -27.63 3.88
N ILE D 26 14.71 -28.49 3.60
CA ILE D 26 14.89 -29.50 2.57
C ILE D 26 15.07 -28.94 1.18
N ARG D 27 14.27 -27.92 0.82
CA ARG D 27 14.33 -27.34 -0.53
C ARG D 27 15.72 -26.79 -0.83
N PHE D 28 16.33 -26.12 0.16
CA PHE D 28 17.68 -25.58 -0.05
C PHE D 28 18.70 -26.72 -0.27
N ALA D 29 18.55 -27.79 0.50
CA ALA D 29 19.39 -28.98 0.35
C ALA D 29 19.21 -29.55 -1.03
N GLN D 30 17.95 -29.68 -1.48
CA GLN D 30 17.67 -30.17 -2.82
C GLN D 30 18.38 -29.32 -3.87
N GLU D 31 18.73 -28.10 -3.52
CA GLU D 31 19.41 -27.22 -4.47
C GLU D 31 20.88 -27.08 -4.15
N GLY D 32 21.40 -27.88 -3.23
CA GLY D 32 22.85 -27.99 -3.05
C GLY D 32 23.44 -27.36 -1.80
N ALA D 33 22.58 -26.88 -0.91
CA ALA D 33 23.04 -26.08 0.23
C ALA D 33 23.40 -26.90 1.43
N ASN D 34 24.34 -26.38 2.21
CA ASN D 34 24.47 -26.80 3.59
C ASN D 34 23.40 -26.06 4.32
N VAL D 35 22.73 -26.75 5.23
CA VAL D 35 21.57 -26.21 5.86
C VAL D 35 21.65 -26.33 7.38
N VAL D 36 21.61 -25.19 8.05
CA VAL D 36 21.57 -25.20 9.49
C VAL D 36 20.15 -24.96 9.96
N LEU D 37 19.61 -25.91 10.73
CA LEU D 37 18.23 -25.84 11.24
C LEU D 37 18.16 -25.46 12.71
N THR D 38 17.35 -24.48 13.06
CA THR D 38 17.13 -24.25 14.48
C THR D 38 15.72 -24.64 14.86
N TYR D 39 15.59 -25.01 16.12
CA TYR D 39 14.31 -25.42 16.66
C TYR D 39 14.27 -25.12 18.16
N ASN D 40 13.06 -25.06 18.69
CA ASN D 40 12.81 -25.02 20.12
C ASN D 40 11.46 -25.70 20.08
N GLY D 41 11.35 -26.94 20.52
CA GLY D 41 10.05 -27.61 20.41
C GLY D 41 10.08 -29.06 19.95
N ALA D 43 11.99 -31.07 18.17
CA ALA D 43 13.26 -31.75 17.86
C ALA D 43 13.11 -32.91 16.88
N GLU D 44 11.94 -33.57 16.90
CA GLU D 44 11.67 -34.67 15.95
C GLU D 44 11.64 -34.17 14.49
N GLY D 45 10.73 -33.23 14.20
CA GLY D 45 10.72 -32.55 12.90
C GLY D 45 12.12 -32.22 12.37
N ALA D 46 12.99 -31.68 13.23
CA ALA D 46 14.30 -31.19 12.78
C ALA D 46 15.29 -32.31 12.49
N ALA D 47 15.40 -33.27 13.43
CA ALA D 47 16.22 -34.50 13.26
C ALA D 47 15.88 -35.24 11.96
N THR D 48 14.62 -35.63 11.82
CA THR D 48 14.12 -36.19 10.57
C THR D 48 14.77 -35.53 9.35
N ALA D 49 14.44 -34.25 9.21
CA ALA D 49 14.92 -33.39 8.13
C ALA D 49 16.41 -33.49 7.94
N VAL D 50 17.14 -33.54 9.05
CA VAL D 50 18.59 -33.67 8.98
C VAL D 50 18.93 -34.98 8.26
N ALA D 51 18.21 -36.04 8.60
CA ALA D 51 18.39 -37.35 7.97
C ALA D 51 17.98 -37.32 6.48
N GLU D 52 16.81 -36.76 6.19
CA GLU D 52 16.41 -36.58 4.81
C GLU D 52 17.48 -35.89 4.00
N ILE D 53 18.10 -34.89 4.63
CA ILE D 53 19.08 -34.06 3.94
C ILE D 53 20.40 -34.79 3.73
N GLU D 54 20.71 -35.68 4.65
CA GLU D 54 21.94 -36.42 4.52
C GLU D 54 21.74 -37.47 3.42
N LYS D 55 20.57 -38.10 3.42
CA LYS D 55 20.18 -39.01 2.34
C LYS D 55 20.34 -38.43 0.94
N LEU D 56 20.41 -37.10 0.80
CA LEU D 56 20.50 -36.44 -0.53
C LEU D 56 21.95 -36.18 -0.94
N GLY D 57 22.87 -36.53 -0.05
CA GLY D 57 24.28 -36.32 -0.32
C GLY D 57 24.74 -35.05 0.33
N ARG D 58 23.82 -34.34 0.96
CA ARG D 58 24.07 -32.97 1.44
C ARG D 58 24.40 -32.88 2.94
N SER D 59 24.91 -31.73 3.36
CA SER D 59 25.33 -31.52 4.74
C SER D 59 24.32 -30.70 5.56
N ALA D 60 24.08 -31.06 6.82
CA ALA D 60 23.13 -30.30 7.65
C ALA D 60 23.48 -30.33 9.14
N LEU D 61 22.99 -29.32 9.88
CA LEU D 61 23.21 -29.23 11.32
C LEU D 61 21.94 -28.79 12.02
N ALA D 62 21.50 -29.53 13.04
CA ALA D 62 20.31 -29.16 13.81
C ALA D 62 20.70 -28.60 15.18
N ILE D 63 20.13 -27.46 15.56
CA ILE D 63 20.56 -26.80 16.78
C ILE D 63 19.39 -26.34 17.59
N LYS D 64 19.39 -26.65 18.88
CA LYS D 64 18.31 -26.20 19.75
C LYS D 64 18.45 -24.72 20.04
N ALA D 65 17.41 -23.92 19.82
CA ALA D 65 17.54 -22.48 20.10
C ALA D 65 16.23 -21.78 20.34
N ASP D 66 16.10 -21.16 21.52
CA ASP D 66 14.97 -20.26 21.80
C ASP D 66 15.32 -18.95 21.14
N LEU D 67 14.61 -18.60 20.07
CA LEU D 67 15.00 -17.44 19.26
C LEU D 67 14.72 -16.06 19.92
N THR D 68 14.07 -16.08 21.08
CA THR D 68 13.90 -14.87 21.89
C THR D 68 15.07 -14.68 22.84
N ASN D 69 16.04 -15.60 22.78
CA ASN D 69 17.16 -15.61 23.75
C ASN D 69 18.44 -15.18 23.08
N ALA D 70 18.86 -13.96 23.37
CA ALA D 70 20.04 -13.38 22.68
C ALA D 70 21.22 -14.33 22.66
N ALA D 71 21.38 -15.09 23.75
CA ALA D 71 22.55 -15.93 23.97
C ALA D 71 22.50 -17.18 23.14
N GLU D 72 21.33 -17.82 23.14
CA GLU D 72 21.13 -19.01 22.35
C GLU D 72 21.12 -18.73 20.85
N VAL D 73 20.75 -17.51 20.46
CA VAL D 73 20.84 -17.06 19.07
C VAL D 73 22.31 -16.87 18.71
N GLU D 74 23.07 -16.17 19.55
CA GLU D 74 24.55 -16.10 19.34
C GLU D 74 25.16 -17.52 19.21
N ALA D 75 24.76 -18.42 20.10
CA ALA D 75 25.35 -19.75 20.13
C ALA D 75 25.03 -20.45 18.81
N ALA D 76 23.76 -20.43 18.41
CA ALA D 76 23.30 -20.99 17.14
C ALA D 76 23.99 -20.40 15.92
N ILE D 77 23.95 -19.08 15.76
CA ILE D 77 24.70 -18.46 14.65
C ILE D 77 26.18 -18.89 14.64
N SER D 78 26.85 -18.78 15.80
CA SER D 78 28.28 -19.13 15.88
C SER D 78 28.60 -20.57 15.43
N ALA D 79 27.81 -21.54 15.88
CA ALA D 79 28.00 -22.92 15.45
C ALA D 79 27.92 -23.02 13.93
N ALA D 80 26.95 -22.32 13.36
CA ALA D 80 26.72 -22.37 11.91
C ALA D 80 27.92 -21.85 11.19
N ALA D 81 28.43 -20.70 11.65
CA ALA D 81 29.59 -20.06 11.04
C ALA D 81 30.85 -20.89 11.23
N ASP D 82 30.95 -21.53 12.40
CA ASP D 82 32.13 -22.30 12.73
C ASP D 82 32.14 -23.58 11.90
N LYS D 83 30.96 -24.17 11.68
CA LYS D 83 30.94 -25.40 10.91
C LYS D 83 31.11 -25.18 9.40
N PHE D 84 30.35 -24.22 8.84
CA PHE D 84 30.31 -24.02 7.39
C PHE D 84 30.96 -22.75 6.88
N GLY D 85 31.32 -21.85 7.77
CA GLY D 85 31.90 -20.59 7.29
C GLY D 85 30.82 -19.55 7.01
N GLU D 86 31.00 -18.82 5.91
CA GLU D 86 30.15 -17.68 5.58
C GLU D 86 28.71 -18.09 5.36
N ILE D 87 27.80 -17.34 5.95
CA ILE D 87 26.39 -17.59 5.81
C ILE D 87 25.90 -16.85 4.57
N HIS D 88 25.20 -17.55 3.68
CA HIS D 88 24.67 -16.91 2.48
CA HIS D 88 24.65 -16.88 2.48
C HIS D 88 23.21 -16.50 2.69
N GLY D 89 22.47 -17.30 3.47
CA GLY D 89 21.08 -17.05 3.64
C GLY D 89 20.62 -17.22 5.08
N LEU D 90 19.78 -16.29 5.52
CA LEU D 90 18.98 -16.44 6.74
C LEU D 90 17.51 -16.39 6.35
N VAL D 91 16.77 -17.41 6.72
CA VAL D 91 15.36 -17.44 6.54
C VAL D 91 14.78 -17.53 7.93
N HIS D 92 14.04 -16.48 8.34
CA HIS D 92 13.51 -16.41 9.70
C HIS D 92 12.04 -16.77 9.73
N VAL D 93 11.78 -18.05 9.98
CA VAL D 93 10.45 -18.60 9.95
C VAL D 93 9.73 -18.47 11.28
N ALA D 94 10.45 -18.28 12.36
CA ALA D 94 9.80 -18.31 13.66
C ALA D 94 8.74 -17.22 13.81
N GLY D 95 7.64 -17.56 14.48
CA GLY D 95 6.59 -16.61 14.80
C GLY D 95 5.36 -17.42 15.16
N GLY D 96 4.27 -16.77 15.51
CA GLY D 96 3.05 -17.51 15.78
C GLY D 96 2.03 -16.68 16.53
N LEU D 97 0.78 -17.06 16.32
CA LEU D 97 -0.40 -16.46 16.93
C LEU D 97 -0.31 -16.49 18.47
N ILE D 98 0.25 -17.59 18.99
CA ILE D 98 0.23 -17.99 20.40
C ILE D 98 -1.15 -18.39 20.92
N ALA D 99 -2.12 -17.50 20.74
CA ALA D 99 -3.48 -17.73 21.19
C ALA D 99 -4.31 -16.52 20.76
N ARG D 100 -5.62 -16.66 20.77
CA ARG D 100 -6.52 -15.59 20.47
C ARG D 100 -7.05 -14.93 21.75
N LYS D 101 -6.83 -13.62 21.88
CA LYS D 101 -7.33 -12.84 23.04
C LYS D 101 -7.69 -11.41 22.63
N THR D 102 -8.82 -10.94 23.08
CA THR D 102 -9.11 -9.54 22.91
C THR D 102 -8.13 -8.72 23.76
N ILE D 103 -8.13 -7.40 23.60
CA ILE D 103 -7.18 -6.61 24.34
C ILE D 103 -7.52 -6.69 25.82
N ALA D 104 -8.81 -6.73 26.17
CA ALA D 104 -9.21 -6.84 27.61
C ALA D 104 -8.69 -8.14 28.25
N GLU D 105 -8.33 -9.11 27.43
CA GLU D 105 -7.89 -10.43 27.90
C GLU D 105 -6.40 -10.54 27.94
N MET D 106 -5.73 -9.73 27.13
CA MET D 106 -4.28 -9.71 27.11
C MET D 106 -3.74 -9.00 28.33
N ASP D 107 -2.71 -9.57 28.93
CA ASP D 107 -1.94 -8.84 29.92
C ASP D 107 -0.60 -8.48 29.30
N GLU D 108 0.19 -7.66 29.98
CA GLU D 108 1.42 -7.16 29.38
C GLU D 108 2.38 -8.31 29.00
N ALA D 109 2.47 -9.31 29.88
CA ALA D 109 3.29 -10.49 29.61
C ALA D 109 2.88 -11.25 28.32
N PHE D 110 1.58 -11.45 28.11
CA PHE D 110 1.17 -12.06 26.86
C PHE D 110 1.58 -11.19 25.61
N TRP D 111 1.26 -9.91 25.65
CA TRP D 111 1.65 -8.96 24.60
C TRP D 111 3.11 -9.15 24.23
N HIS D 112 3.98 -9.11 25.23
CA HIS D 112 5.42 -9.30 25.01
C HIS D 112 5.81 -10.67 24.55
N GLN D 113 5.03 -11.66 24.91
CA GLN D 113 5.35 -13.00 24.45
C GLN D 113 5.13 -13.06 22.94
N VAL D 114 3.99 -12.59 22.46
CA VAL D 114 3.76 -12.52 21.01
C VAL D 114 4.75 -11.63 20.24
N LEU D 115 4.92 -10.38 20.65
CA LEU D 115 5.90 -9.51 20.01
C LEU D 115 7.32 -10.10 20.03
N ASP D 116 7.68 -10.81 21.10
CA ASP D 116 9.04 -11.38 21.23
C ASP D 116 9.26 -12.55 20.28
N VAL D 117 8.33 -13.49 20.24
CA VAL D 117 8.49 -14.64 19.33
C VAL D 117 8.43 -14.27 17.83
N ASN D 118 7.53 -13.37 17.44
CA ASN D 118 7.44 -12.90 16.03
C ASN D 118 8.44 -11.82 15.61
N LEU D 119 8.63 -10.80 16.46
CA LEU D 119 9.46 -9.65 16.11
C LEU D 119 10.86 -9.58 16.74
N THR D 120 10.92 -9.59 18.07
CA THR D 120 12.25 -9.55 18.72
C THR D 120 13.18 -10.65 18.23
N SER D 121 12.66 -11.85 18.08
CA SER D 121 13.44 -12.96 17.56
C SER D 121 14.15 -12.61 16.22
N LEU D 122 13.45 -11.85 15.38
CA LEU D 122 13.96 -11.54 14.04
C LEU D 122 15.05 -10.49 14.21
N PHE D 123 14.82 -9.55 15.11
CA PHE D 123 15.85 -8.56 15.37
C PHE D 123 17.14 -9.30 15.79
N LEU D 124 17.02 -10.23 16.74
CA LEU D 124 18.17 -11.04 17.23
C LEU D 124 18.84 -11.85 16.12
N THR D 125 18.08 -12.59 15.31
CA THR D 125 18.73 -13.47 14.30
C THR D 125 19.38 -12.61 13.22
N ALA D 126 18.67 -11.58 12.73
CA ALA D 126 19.24 -10.68 11.72
C ALA D 126 20.47 -9.97 12.27
N LYS D 127 20.35 -9.46 13.50
CA LYS D 127 21.53 -8.78 14.10
C LYS D 127 22.77 -9.67 14.24
N THR D 128 22.54 -10.86 14.71
CA THR D 128 23.64 -11.77 14.95
C THR D 128 24.21 -12.33 13.64
N ALA D 129 23.35 -12.74 12.71
CA ALA D 129 23.81 -13.27 11.40
C ALA D 129 24.55 -12.29 10.52
N LEU D 130 24.10 -11.04 10.52
CA LEU D 130 24.64 -10.11 9.51
C LEU D 130 26.16 -10.01 9.42
N PRO D 131 26.88 -9.81 10.55
CA PRO D 131 28.33 -9.64 10.47
C PRO D 131 29.03 -10.92 9.92
N LYS D 132 28.32 -12.06 9.94
CA LYS D 132 28.82 -13.32 9.37
C LYS D 132 28.39 -13.65 7.92
N MET D 133 27.58 -12.80 7.29
CA MET D 133 26.98 -13.26 6.05
C MET D 133 27.87 -12.93 4.87
N ALA D 134 27.72 -13.70 3.79
CA ALA D 134 28.52 -13.51 2.61
C ALA D 134 27.97 -12.32 1.83
N LYS D 135 28.88 -11.53 1.27
CA LYS D 135 28.56 -10.58 0.24
C LYS D 135 27.68 -11.29 -0.80
N GLY D 136 26.53 -10.69 -1.14
CA GLY D 136 25.55 -11.32 -2.04
C GLY D 136 24.50 -12.15 -1.30
N GLY D 137 24.61 -12.21 0.03
CA GLY D 137 23.70 -12.97 0.89
C GLY D 137 22.29 -12.41 0.94
N ALA D 138 21.40 -13.07 1.66
CA ALA D 138 20.03 -12.67 1.64
C ALA D 138 19.29 -13.16 2.85
N ILE D 139 18.35 -12.33 3.28
CA ILE D 139 17.49 -12.61 4.40
C ILE D 139 16.06 -12.70 3.86
N VAL D 140 15.28 -13.64 4.38
CA VAL D 140 13.88 -13.74 4.01
C VAL D 140 13.11 -13.84 5.32
N THR D 141 12.14 -12.94 5.50
CA THR D 141 11.31 -12.88 6.66
C THR D 141 9.89 -13.36 6.31
N PHE D 142 9.05 -13.52 7.30
CA PHE D 142 7.67 -13.88 7.02
C PHE D 142 6.67 -12.84 7.54
N SER D 143 5.93 -12.28 6.60
CA SER D 143 4.90 -11.37 6.99
C SER D 143 3.57 -12.08 6.81
N SER D 144 2.48 -11.31 6.76
CA SER D 144 1.18 -11.95 6.76
C SER D 144 0.13 -10.97 6.32
N GLN D 145 -0.97 -11.50 5.81
CA GLN D 145 -2.08 -10.64 5.40
C GLN D 145 -2.64 -9.88 6.62
N ALA D 146 -2.56 -10.52 7.79
CA ALA D 146 -2.96 -9.90 9.06
C ALA D 146 -2.19 -8.59 9.35
N GLY D 147 -0.91 -8.56 8.96
CA GLY D 147 -0.11 -7.36 9.01
C GLY D 147 -0.68 -6.23 8.15
N ARG D 148 -1.33 -6.56 7.03
CA ARG D 148 -1.91 -5.54 6.16
C ARG D 148 -3.27 -5.08 6.62
N ASP D 149 -4.10 -6.03 7.06
CA ASP D 149 -5.47 -5.68 7.39
C ASP D 149 -5.81 -5.63 8.90
N GLY D 150 -4.89 -5.96 9.77
CA GLY D 150 -5.20 -5.90 11.19
C GLY D 150 -5.58 -7.25 11.80
N GLY D 151 -5.77 -8.26 10.95
CA GLY D 151 -5.94 -9.64 11.45
C GLY D 151 -7.38 -9.95 11.86
N GLY D 152 -7.64 -11.19 12.23
CA GLY D 152 -8.98 -11.61 12.64
C GLY D 152 -9.20 -11.61 14.15
N PRO D 153 -10.44 -11.94 14.58
CA PRO D 153 -10.84 -11.95 15.99
C PRO D 153 -9.76 -12.53 16.88
N GLY D 154 -9.32 -11.77 17.88
CA GLY D 154 -8.37 -12.27 18.86
C GLY D 154 -6.92 -12.30 18.45
N ALA D 155 -6.62 -11.88 17.22
CA ALA D 155 -5.24 -11.96 16.76
C ALA D 155 -4.46 -10.60 16.70
N LEU D 156 -4.90 -9.64 17.52
CA LEU D 156 -4.37 -8.29 17.48
C LEU D 156 -2.87 -8.24 17.67
N ALA D 157 -2.35 -8.95 18.67
CA ALA D 157 -0.91 -8.92 18.96
C ALA D 157 -0.07 -9.54 17.84
N TYR D 158 -0.60 -10.59 17.25
CA TYR D 158 0.12 -11.27 16.17
C TYR D 158 0.10 -10.42 14.89
N ALA D 159 -1.06 -9.91 14.49
CA ALA D 159 -1.15 -8.97 13.37
C ALA D 159 -0.14 -7.81 13.53
N THR D 160 -0.09 -7.23 14.73
CA THR D 160 0.77 -6.08 15.01
C THR D 160 2.20 -6.46 14.76
N SER D 161 2.59 -7.64 15.22
CA SER D 161 4.01 -8.05 15.08
C SER D 161 4.40 -8.33 13.61
N LYS D 162 3.43 -8.76 12.82
CA LYS D 162 3.68 -9.05 11.43
C LYS D 162 3.79 -7.75 10.63
N GLY D 163 3.04 -6.74 11.02
CA GLY D 163 3.12 -5.45 10.33
C GLY D 163 4.48 -4.88 10.63
N ALA D 164 4.90 -4.98 11.89
CA ALA D 164 6.26 -4.58 12.29
C ALA D 164 7.34 -5.27 11.48
N VAL D 165 7.17 -6.59 11.25
CA VAL D 165 8.13 -7.41 10.52
C VAL D 165 8.18 -6.93 9.09
N MET D 166 7.04 -6.55 8.54
CA MET D 166 7.01 -5.97 7.18
C MET D 166 7.78 -4.66 7.13
N THR D 167 7.50 -3.74 8.04
CA THR D 167 8.29 -2.48 8.05
C THR D 167 9.78 -2.73 8.30
N PHE D 168 10.10 -3.59 9.26
CA PHE D 168 11.49 -3.93 9.55
C PHE D 168 12.23 -4.44 8.29
N THR D 169 11.54 -5.28 7.53
CA THR D 169 12.13 -5.88 6.36
C THR D 169 12.54 -4.76 5.36
N ARG D 170 11.68 -3.78 5.12
CA ARG D 170 11.99 -2.67 4.20
C ARG D 170 13.10 -1.77 4.72
N GLY D 171 13.02 -1.48 6.02
CA GLY D 171 14.05 -0.68 6.65
C GLY D 171 15.40 -1.37 6.59
N LEU D 172 15.46 -2.65 6.96
CA LEU D 172 16.75 -3.38 6.92
C LEU D 172 17.31 -3.49 5.49
N ALA D 173 16.44 -3.70 4.51
CA ALA D 173 16.85 -3.71 3.10
C ALA D 173 17.72 -2.49 2.72
N LYS D 174 17.21 -1.31 3.02
CA LYS D 174 17.89 -0.07 2.73
C LYS D 174 19.16 -0.01 3.54
N GLU D 175 19.15 -0.50 4.78
CA GLU D 175 20.31 -0.32 5.65
C GLU D 175 21.47 -1.22 5.20
N VAL D 176 21.18 -2.46 4.84
CA VAL D 176 22.27 -3.37 4.57
C VAL D 176 22.58 -3.64 3.10
N GLY D 177 21.84 -3.05 2.16
CA GLY D 177 22.15 -3.27 0.75
C GLY D 177 23.27 -2.35 0.33
N PRO D 178 23.94 -2.59 -0.81
CA PRO D 178 23.69 -3.58 -1.85
C PRO D 178 24.23 -4.91 -1.44
N LYS D 179 25.07 -4.91 -0.40
CA LYS D 179 25.72 -6.15 0.03
C LYS D 179 24.71 -7.26 0.34
N ILE D 180 23.66 -6.94 1.12
CA ILE D 180 22.72 -7.97 1.59
C ILE D 180 21.30 -7.58 1.20
N ARG D 181 20.54 -8.53 0.62
CA ARG D 181 19.12 -8.30 0.23
C ARG D 181 18.18 -8.77 1.34
N VAL D 182 17.05 -8.06 1.49
CA VAL D 182 16.09 -8.46 2.51
C VAL D 182 14.65 -8.38 1.99
N ASN D 183 13.90 -9.49 2.06
CA ASN D 183 12.56 -9.59 1.47
C ASN D 183 11.67 -10.44 2.36
N ALA D 184 10.36 -10.25 2.26
CA ALA D 184 9.39 -10.97 3.07
C ALA D 184 8.58 -11.82 2.13
N VAL D 185 8.23 -13.01 2.61
CA VAL D 185 7.14 -13.74 1.96
C VAL D 185 5.91 -13.57 2.81
N CYS D 186 4.75 -13.46 2.15
CA CYS D 186 3.50 -13.26 2.84
C CYS D 186 2.55 -14.40 2.52
N PRO D 187 2.62 -15.48 3.31
CA PRO D 187 1.93 -16.77 2.96
C PRO D 187 0.41 -16.74 3.15
N GLY D 217 -2.15 -24.18 -1.62
CA GLY D 217 -0.69 -24.11 -1.52
C GLY D 217 -0.15 -24.85 -0.29
N SER D 218 0.95 -25.57 -0.48
CA SER D 218 1.52 -26.37 0.60
C SER D 218 2.79 -25.73 1.12
N SER D 219 3.40 -26.36 2.13
CA SER D 219 4.68 -25.89 2.67
C SER D 219 5.79 -25.84 1.64
N GLU D 220 5.76 -26.78 0.71
CA GLU D 220 6.82 -26.83 -0.29
C GLU D 220 6.62 -25.79 -1.40
N ASP D 221 5.40 -25.32 -1.59
CA ASP D 221 5.15 -24.20 -2.49
C ASP D 221 5.75 -22.95 -1.88
N VAL D 222 5.50 -22.76 -0.59
CA VAL D 222 6.07 -21.63 0.11
C VAL D 222 7.57 -21.71 -0.03
N ALA D 223 8.15 -22.88 0.14
CA ALA D 223 9.63 -23.01 0.10
C ALA D 223 10.24 -22.69 -1.28
N GLY D 224 9.49 -22.96 -2.34
CA GLY D 224 9.91 -22.60 -3.72
C GLY D 224 10.10 -21.09 -3.83
N LEU D 225 9.13 -20.34 -3.30
CA LEU D 225 9.18 -18.87 -3.28
C LEU D 225 10.36 -18.35 -2.44
N VAL D 226 10.52 -18.89 -1.23
CA VAL D 226 11.62 -18.55 -0.39
C VAL D 226 12.96 -18.81 -1.06
N ALA D 227 13.09 -19.95 -1.75
CA ALA D 227 14.36 -20.27 -2.40
C ALA D 227 14.64 -19.29 -3.54
N PHE D 228 13.59 -18.87 -4.25
CA PHE D 228 13.74 -17.84 -5.25
C PHE D 228 14.31 -16.56 -4.66
N LEU D 229 13.67 -16.09 -3.59
CA LEU D 229 14.11 -14.86 -2.94
C LEU D 229 15.52 -14.94 -2.34
N ALA D 230 15.92 -16.13 -1.92
CA ALA D 230 17.27 -16.25 -1.35
C ALA D 230 18.34 -16.46 -2.43
N SER D 231 17.93 -16.75 -3.67
CA SER D 231 18.83 -17.05 -4.79
C SER D 231 19.25 -15.81 -5.60
N ASP D 232 20.18 -15.99 -6.52
CA ASP D 232 20.67 -14.88 -7.32
C ASP D 232 19.70 -14.57 -8.45
N ASP D 233 18.75 -15.47 -8.68
CA ASP D 233 17.61 -15.16 -9.53
C ASP D 233 16.92 -13.86 -9.10
N ALA D 234 17.06 -13.49 -7.82
CA ALA D 234 16.39 -12.27 -7.30
C ALA D 234 17.41 -11.19 -6.90
N ALA D 235 18.58 -11.23 -7.54
CA ALA D 235 19.65 -10.26 -7.28
C ALA D 235 19.18 -8.82 -7.22
N TYR D 236 18.11 -8.47 -7.95
CA TYR D 236 17.63 -7.07 -7.98
C TYR D 236 16.34 -6.87 -7.23
N VAL D 237 15.97 -7.87 -6.45
CA VAL D 237 14.81 -7.77 -5.57
C VAL D 237 15.25 -7.59 -4.12
N THR D 238 14.85 -6.48 -3.48
CA THR D 238 15.12 -6.28 -2.08
C THR D 238 14.08 -5.28 -1.54
N GLY D 239 13.66 -5.48 -0.30
CA GLY D 239 12.71 -4.58 0.38
C GLY D 239 11.26 -4.89 0.05
N ALA D 240 11.00 -6.06 -0.50
CA ALA D 240 9.71 -6.33 -1.12
C ALA D 240 8.96 -7.38 -0.32
N CYS D 241 7.67 -7.50 -0.61
CA CYS D 241 6.82 -8.51 -0.05
C CYS D 241 6.24 -9.33 -1.19
N TYR D 242 6.53 -10.64 -1.17
CA TYR D 242 6.04 -11.50 -2.21
C TYR D 242 4.99 -12.39 -1.57
N ASP D 243 3.74 -12.18 -1.99
CA ASP D 243 2.57 -12.92 -1.56
C ASP D 243 2.52 -14.30 -2.20
N ILE D 244 2.01 -15.26 -1.43
CA ILE D 244 1.72 -16.60 -1.92
C ILE D 244 0.51 -17.26 -1.23
N ASN D 245 -0.47 -17.68 -2.03
CA ASN D 245 -1.62 -18.49 -1.55
C ASN D 245 -1.23 -19.89 -1.07
N GLY D 246 -0.86 -19.99 0.21
CA GLY D 246 -0.42 -21.27 0.76
C GLY D 246 0.23 -21.16 2.13
#